data_1NIS
#
_entry.id   1NIS
#
_cell.length_a   185.500
_cell.length_b   72.000
_cell.length_c   73.000
_cell.angle_alpha   90.00
_cell.angle_beta   90.00
_cell.angle_gamma   77.70
#
_symmetry.space_group_name_H-M   'B 1 1 2'
#
loop_
_entity.id
_entity.type
_entity.pdbx_description
1 polymer ACONITASE
2 non-polymer 'IRON/SULFUR CLUSTER'
3 non-polymer '2-HYDROXY-2-NITROMETHYL SUCCINIC ACID'
4 water water
#
_entity_poly.entity_id   1
_entity_poly.type   'polypeptide(L)'
_entity_poly.pdbx_seq_one_letter_code
;(PCA)RAKVAMSHFEPHEYIRYDLLEKNIDIVRKRLNRPLTLSEKIVYGHLDDPANQEIERGKTYLRLRPDRVAMQDATA
QMAMLQFISSGLPKVAVPSTIHCDHLIEAQLGGEKDLRRAKDINQEVYNFLATAGAKYGVGFWRPGSGIIHQIILENYAY
PGVLLIGTDSHTPNGGGLGGICIGVGGADAVDVMAGIPWELKCPKVIGVKLTGSLSGWTSPKDVILKVAGILTVKGGTGA
IVEYHGPGVDSISCTGMATICNMGAEIGATTSVFPYNHRMKKYLSKTGRADIANLADEFKDHLVPDSGCHYDQLIEINLS
ELKPHINGPFTPDLAHPVAEVGSVAEKEGWPLDIRVGLIGSCTNSSYEDMGRSAAVAKQALAHGLKCKSQFTITPGSEQI
RATIERDGYAQVLRDVGGIVLANACGPCIGQWDRKDIKKGEKNTIVTSYNRNFTGRNDANPETHAFVTSPEIVTALAIAG
TLKFNPETDFLTGKDGKKFKLEAPDADELPRAEFDPGQDTYQHPPKDSSGQRVDVSPTSQRLQLLEPFDKWDGKDLEDLQ
ILIKVKGKCTTDHISAAGPWLKFRGHLDNISNNLLIGAINSENRKANSVRNAVTQEFGPVPDTARYYKQHGIRWVVIGDE
NYGEGSSREHRALEPRFLGGRAIITKSFARIHETNLKKQGLLPLTFADPADYNKIHPVDKLTIQGLKDFAPGKPLTCIIK
HPNGTQETILLNHTFNETQIEWFRAGSALNRMKELQQK
;
_entity_poly.pdbx_strand_id   A
#
loop_
_chem_comp.id
_chem_comp.type
_chem_comp.name
_chem_comp.formula
NTC non-polymer '2-HYDROXY-2-NITROMETHYL SUCCINIC ACID' 'C5 H7 N O7'
SF4 non-polymer 'IRON/SULFUR CLUSTER' 'Fe4 S4'
#
# COMPACT_ATOMS: atom_id res chain seq x y z
N ARG A 2 -8.44 8.38 -33.54
CA ARG A 2 -7.66 7.15 -33.53
C ARG A 2 -8.86 6.21 -33.39
N ALA A 3 -8.67 5.24 -32.51
CA ALA A 3 -9.66 4.32 -32.09
C ALA A 3 -10.37 5.17 -30.99
N LYS A 4 -11.61 4.82 -30.74
CA LYS A 4 -12.38 5.40 -29.69
C LYS A 4 -12.66 4.17 -28.83
N VAL A 5 -11.68 3.72 -28.07
CA VAL A 5 -11.90 2.59 -27.18
C VAL A 5 -11.97 3.14 -25.73
N ALA A 6 -13.05 2.82 -25.03
CA ALA A 6 -13.29 3.37 -23.72
C ALA A 6 -12.36 2.77 -22.68
N MET A 7 -12.07 3.56 -21.66
CA MET A 7 -11.18 3.19 -20.55
C MET A 7 -11.76 2.06 -19.68
N SER A 8 -13.09 1.92 -19.61
CA SER A 8 -13.71 0.89 -18.82
C SER A 8 -15.14 0.81 -19.33
N HIS A 9 -15.88 -0.19 -18.85
CA HIS A 9 -17.31 -0.30 -19.15
C HIS A 9 -18.17 0.73 -18.47
N PHE A 10 -17.66 1.45 -17.49
CA PHE A 10 -18.51 2.36 -16.76
C PHE A 10 -18.27 3.76 -17.29
N GLU A 11 -17.21 3.98 -18.10
CA GLU A 11 -16.93 5.30 -18.62
C GLU A 11 -16.84 5.23 -20.13
N PRO A 12 -17.98 5.08 -20.82
CA PRO A 12 -18.05 4.82 -22.24
C PRO A 12 -17.53 5.93 -23.16
N HIS A 13 -17.25 7.08 -22.55
CA HIS A 13 -16.90 8.33 -23.20
C HIS A 13 -15.46 8.71 -22.93
N GLU A 14 -14.75 7.98 -22.06
CA GLU A 14 -13.40 8.37 -21.69
C GLU A 14 -12.57 7.43 -22.50
N TYR A 15 -11.85 7.93 -23.48
CA TYR A 15 -11.11 7.07 -24.38
C TYR A 15 -9.67 6.89 -24.01
N ILE A 16 -9.11 5.71 -24.26
CA ILE A 16 -7.69 5.45 -24.05
C ILE A 16 -6.92 6.27 -25.07
N ARG A 17 -5.86 6.92 -24.61
CA ARG A 17 -5.10 7.80 -25.46
C ARG A 17 -3.70 7.29 -25.75
N TYR A 18 -3.60 6.20 -26.50
CA TYR A 18 -2.29 5.69 -26.86
C TYR A 18 -1.62 6.58 -27.89
N ASP A 19 -2.40 7.37 -28.62
CA ASP A 19 -1.86 8.34 -29.58
C ASP A 19 -1.05 9.39 -28.85
N LEU A 20 -1.57 9.88 -27.73
CA LEU A 20 -0.91 10.83 -26.84
C LEU A 20 0.34 10.23 -26.27
N LEU A 21 0.19 9.00 -25.74
CA LEU A 21 1.36 8.28 -25.20
C LEU A 21 2.50 8.18 -26.24
N GLU A 22 2.20 7.80 -27.49
CA GLU A 22 3.19 7.66 -28.54
C GLU A 22 3.83 9.00 -28.88
N LYS A 23 3.01 10.00 -29.07
CA LYS A 23 3.49 11.32 -29.32
C LYS A 23 4.49 11.78 -28.27
N ASN A 24 4.17 11.56 -26.98
CA ASN A 24 5.07 11.99 -25.93
C ASN A 24 6.34 11.19 -25.84
N ILE A 25 6.31 9.87 -26.07
CA ILE A 25 7.46 8.98 -26.06
C ILE A 25 8.42 9.44 -27.15
N ASP A 26 7.86 9.75 -28.31
CA ASP A 26 8.66 10.25 -29.38
C ASP A 26 9.24 11.62 -29.12
N ILE A 27 8.56 12.61 -28.54
CA ILE A 27 9.24 13.85 -28.18
C ILE A 27 10.43 13.58 -27.24
N VAL A 28 10.25 12.74 -26.22
CA VAL A 28 11.25 12.45 -25.21
C VAL A 28 12.43 11.64 -25.75
N ARG A 29 12.24 10.61 -26.59
CA ARG A 29 13.37 9.81 -27.02
C ARG A 29 14.13 10.61 -28.07
N LYS A 30 13.63 11.67 -28.67
CA LYS A 30 14.42 12.47 -29.56
C LYS A 30 15.34 13.38 -28.75
N ARG A 31 14.94 13.62 -27.48
CA ARG A 31 15.74 14.41 -26.56
C ARG A 31 16.82 13.55 -25.90
N LEU A 32 16.48 12.34 -25.49
CA LEU A 32 17.45 11.52 -24.75
C LEU A 32 18.31 10.67 -25.63
N ASN A 33 17.89 10.31 -26.83
CA ASN A 33 18.67 9.51 -27.78
C ASN A 33 19.31 8.32 -27.13
N ARG A 34 18.48 7.58 -26.39
CA ARG A 34 18.93 6.35 -25.77
C ARG A 34 17.72 5.45 -25.69
N PRO A 35 17.82 4.11 -25.59
CA PRO A 35 16.68 3.23 -25.36
C PRO A 35 16.05 3.57 -23.99
N LEU A 36 14.74 3.38 -23.90
CA LEU A 36 13.93 3.68 -22.74
C LEU A 36 13.45 2.38 -22.15
N THR A 37 13.44 2.26 -20.82
CA THR A 37 12.84 1.05 -20.27
C THR A 37 11.31 1.13 -20.47
N LEU A 38 10.57 0.06 -20.20
CA LEU A 38 9.11 0.14 -20.20
C LEU A 38 8.55 1.19 -19.21
N SER A 39 9.05 1.30 -17.98
CA SER A 39 8.50 2.24 -17.01
C SER A 39 8.80 3.63 -17.48
N GLU A 40 9.97 3.88 -18.08
CA GLU A 40 10.27 5.18 -18.70
C GLU A 40 9.30 5.49 -19.82
N LYS A 41 8.97 4.55 -20.71
CA LYS A 41 8.02 4.86 -21.78
C LYS A 41 6.66 5.30 -21.22
N ILE A 42 6.15 4.58 -20.20
CA ILE A 42 4.81 4.89 -19.69
C ILE A 42 4.82 6.14 -18.84
N VAL A 43 5.80 6.28 -18.01
CA VAL A 43 5.88 7.44 -17.17
C VAL A 43 6.19 8.69 -18.01
N TYR A 44 7.22 8.72 -18.86
CA TYR A 44 7.52 9.92 -19.64
C TYR A 44 6.47 10.18 -20.69
N GLY A 45 5.78 9.13 -21.12
CA GLY A 45 4.67 9.27 -22.05
C GLY A 45 3.53 10.01 -21.39
N HIS A 46 3.51 10.18 -20.07
CA HIS A 46 2.42 10.89 -19.38
C HIS A 46 2.90 12.24 -18.86
N LEU A 47 4.05 12.76 -19.31
CA LEU A 47 4.53 14.07 -18.84
C LEU A 47 3.62 15.17 -19.31
N ASP A 48 3.52 16.17 -18.45
CA ASP A 48 2.71 17.32 -18.75
C ASP A 48 3.42 18.13 -19.85
N ASP A 49 4.73 18.19 -19.79
CA ASP A 49 5.48 18.97 -20.77
C ASP A 49 6.75 18.23 -21.24
N PRO A 50 6.62 17.26 -22.14
CA PRO A 50 7.73 16.41 -22.55
C PRO A 50 8.85 17.14 -23.28
N ALA A 51 8.58 18.29 -23.85
CA ALA A 51 9.61 19.01 -24.55
C ALA A 51 10.54 19.69 -23.58
N ASN A 52 10.06 20.16 -22.42
CA ASN A 52 10.93 20.91 -21.52
C ASN A 52 11.25 20.25 -20.20
N GLN A 53 10.49 19.25 -19.77
CA GLN A 53 10.80 18.53 -18.55
C GLN A 53 12.27 18.07 -18.41
N GLU A 54 13.00 18.36 -17.32
CA GLU A 54 14.34 17.87 -17.00
C GLU A 54 14.18 16.44 -16.56
N ILE A 55 14.89 15.50 -17.20
CA ILE A 55 14.71 14.09 -16.93
C ILE A 55 16.02 13.51 -16.44
N GLU A 56 16.15 13.17 -15.16
CA GLU A 56 17.34 12.48 -14.66
C GLU A 56 16.87 11.52 -13.59
N ARG A 57 17.14 10.22 -13.76
CA ARG A 57 16.66 9.19 -12.81
C ARG A 57 17.21 9.49 -11.43
N GLY A 58 16.36 9.40 -10.42
CA GLY A 58 16.79 9.66 -9.07
C GLY A 58 16.94 11.14 -8.81
N LYS A 59 16.81 12.08 -9.74
CA LYS A 59 17.10 13.45 -9.39
C LYS A 59 16.05 14.48 -9.65
N THR A 60 15.36 14.46 -10.77
CA THR A 60 14.41 15.53 -11.09
C THR A 60 13.00 15.16 -10.68
N TYR A 61 12.12 16.11 -10.43
CA TYR A 61 10.73 15.85 -10.13
C TYR A 61 10.00 15.99 -11.45
N LEU A 62 9.21 15.00 -11.82
CA LEU A 62 8.45 14.96 -13.07
C LEU A 62 7.06 15.49 -12.76
N ARG A 63 6.48 16.21 -13.74
CA ARG A 63 5.13 16.75 -13.63
C ARG A 63 4.38 15.90 -14.60
N LEU A 64 3.41 15.17 -14.09
CA LEU A 64 2.76 14.09 -14.78
C LEU A 64 1.28 14.31 -14.80
N ARG A 65 0.64 13.66 -15.75
CA ARG A 65 -0.80 13.67 -15.91
C ARG A 65 -1.40 12.27 -15.78
N PRO A 66 -1.75 11.75 -14.60
CA PRO A 66 -2.39 10.44 -14.46
C PRO A 66 -3.73 10.35 -15.19
N ASP A 67 -4.05 9.14 -15.62
CA ASP A 67 -5.29 8.88 -16.28
C ASP A 67 -6.47 8.72 -15.33
N ARG A 68 -6.29 8.21 -14.12
CA ARG A 68 -7.42 7.99 -13.20
C ARG A 68 -6.90 7.85 -11.78
N VAL A 69 -7.85 8.06 -10.86
CA VAL A 69 -7.62 8.04 -9.41
C VAL A 69 -8.49 6.97 -8.74
N ALA A 70 -7.99 6.15 -7.83
CA ALA A 70 -8.78 5.14 -7.17
C ALA A 70 -8.58 5.33 -5.68
N MET A 71 -9.64 5.24 -4.88
CA MET A 71 -9.54 5.41 -3.44
C MET A 71 -10.22 4.28 -2.69
N GLN A 72 -9.70 3.83 -1.54
CA GLN A 72 -10.40 2.84 -0.74
C GLN A 72 -10.97 3.62 0.48
N ASP A 73 -11.97 3.13 1.17
CA ASP A 73 -12.68 3.91 2.16
C ASP A 73 -11.95 4.24 3.44
N ALA A 74 -10.81 3.66 3.76
CA ALA A 74 -10.08 4.16 4.90
C ALA A 74 -9.24 5.40 4.59
N THR A 75 -8.95 5.75 3.34
CA THR A 75 -8.14 6.92 3.00
C THR A 75 -9.01 7.85 2.18
N ALA A 76 -10.14 7.38 1.63
CA ALA A 76 -11.01 8.24 0.83
C ALA A 76 -11.67 9.32 1.64
N GLN A 77 -11.91 9.07 2.93
CA GLN A 77 -12.66 10.03 3.74
C GLN A 77 -11.89 11.33 3.89
N MET A 78 -10.59 11.24 4.20
CA MET A 78 -9.77 12.41 4.37
C MET A 78 -9.39 13.04 3.02
N ALA A 79 -9.27 12.24 1.96
CA ALA A 79 -8.99 12.79 0.62
C ALA A 79 -10.21 13.63 0.21
N MET A 80 -11.43 13.12 0.44
CA MET A 80 -12.61 13.86 0.11
C MET A 80 -12.85 15.04 1.04
N LEU A 81 -12.54 14.99 2.35
CA LEU A 81 -12.62 16.17 3.22
C LEU A 81 -11.67 17.26 2.74
N GLN A 82 -10.44 16.92 2.29
CA GLN A 82 -9.58 17.93 1.72
C GLN A 82 -10.10 18.39 0.37
N PHE A 83 -10.72 17.56 -0.50
CA PHE A 83 -11.27 18.02 -1.78
C PHE A 83 -12.42 19.00 -1.54
N ILE A 84 -13.26 18.67 -0.55
CA ILE A 84 -14.34 19.55 -0.11
C ILE A 84 -13.74 20.88 0.37
N SER A 85 -12.65 20.97 1.14
CA SER A 85 -12.06 22.24 1.46
C SER A 85 -11.57 22.94 0.22
N SER A 86 -11.16 22.33 -0.91
CA SER A 86 -10.60 23.06 -2.04
C SER A 86 -11.73 23.87 -2.62
N GLY A 87 -12.98 23.47 -2.48
CA GLY A 87 -14.07 24.26 -2.99
C GLY A 87 -14.32 23.93 -4.45
N LEU A 88 -13.62 22.95 -5.04
CA LEU A 88 -13.78 22.68 -6.46
C LEU A 88 -15.02 21.84 -6.76
N PRO A 89 -15.77 22.01 -7.82
CA PRO A 89 -17.07 21.43 -8.00
C PRO A 89 -17.16 20.01 -8.46
N LYS A 90 -16.12 19.47 -9.12
CA LYS A 90 -16.17 18.16 -9.72
C LYS A 90 -14.72 17.73 -9.91
N VAL A 91 -14.50 16.41 -9.83
CA VAL A 91 -13.18 15.85 -10.08
C VAL A 91 -12.85 15.91 -11.59
N ALA A 92 -11.60 16.14 -11.91
CA ALA A 92 -11.13 16.34 -13.26
C ALA A 92 -10.80 15.07 -14.05
N VAL A 93 -10.62 13.88 -13.43
CA VAL A 93 -10.28 12.64 -14.10
C VAL A 93 -11.23 11.52 -13.60
N PRO A 94 -11.45 10.41 -14.30
CA PRO A 94 -12.17 9.20 -13.79
C PRO A 94 -11.65 8.83 -12.38
N SER A 95 -12.49 8.72 -11.34
CA SER A 95 -12.09 8.51 -9.95
C SER A 95 -13.08 7.53 -9.35
N THR A 96 -12.71 6.65 -8.43
CA THR A 96 -13.60 5.66 -7.85
C THR A 96 -13.31 5.61 -6.36
N ILE A 97 -14.31 5.26 -5.55
CA ILE A 97 -14.13 4.92 -4.14
C ILE A 97 -14.51 3.44 -3.99
N HIS A 98 -13.76 2.67 -3.20
CA HIS A 98 -13.95 1.24 -2.97
C HIS A 98 -14.11 1.03 -1.49
N CYS A 99 -15.20 0.43 -1.09
CA CYS A 99 -15.44 0.25 0.32
C CYS A 99 -15.05 -1.13 0.77
N ASP A 100 -13.83 -1.29 1.22
CA ASP A 100 -13.25 -2.57 1.53
C ASP A 100 -12.52 -2.64 2.86
N HIS A 101 -12.25 -1.52 3.51
CA HIS A 101 -11.43 -1.50 4.73
C HIS A 101 -12.19 -1.53 6.06
N LEU A 102 -13.51 -1.40 6.07
CA LEU A 102 -14.20 -1.22 7.34
C LEU A 102 -15.12 -2.38 7.70
N ILE A 103 -14.95 -3.55 7.04
CA ILE A 103 -15.81 -4.69 7.25
C ILE A 103 -14.99 -5.62 8.12
N GLU A 104 -15.34 -5.72 9.41
CA GLU A 104 -14.67 -6.60 10.36
C GLU A 104 -15.05 -8.07 10.25
N ALA A 105 -14.05 -8.93 10.25
CA ALA A 105 -14.26 -10.36 10.18
C ALA A 105 -14.63 -10.90 11.54
N GLN A 106 -15.78 -11.54 11.66
CA GLN A 106 -16.22 -12.08 12.92
C GLN A 106 -16.98 -13.38 12.72
N LEU A 107 -18.10 -13.30 11.99
CA LEU A 107 -19.04 -14.37 11.73
C LEU A 107 -18.98 -14.98 10.33
N GLY A 108 -18.24 -14.36 9.42
CA GLY A 108 -18.14 -14.81 8.05
C GLY A 108 -19.09 -14.04 7.17
N GLY A 109 -18.79 -14.05 5.89
CA GLY A 109 -19.47 -13.39 4.78
C GLY A 109 -20.58 -12.37 4.93
N GLU A 110 -21.78 -12.89 4.65
CA GLU A 110 -23.01 -12.12 4.59
C GLU A 110 -23.37 -11.45 5.91
N LYS A 111 -23.13 -12.18 6.98
CA LYS A 111 -23.38 -11.72 8.31
C LYS A 111 -22.45 -10.56 8.62
N ASP A 112 -21.14 -10.67 8.38
CA ASP A 112 -20.22 -9.55 8.60
C ASP A 112 -20.54 -8.35 7.71
N LEU A 113 -20.97 -8.55 6.46
CA LEU A 113 -21.29 -7.44 5.60
C LEU A 113 -22.50 -6.68 6.08
N ARG A 114 -23.57 -7.37 6.47
CA ARG A 114 -24.76 -6.76 7.07
C ARG A 114 -24.45 -5.94 8.33
N ARG A 115 -23.62 -6.47 9.22
CA ARG A 115 -23.17 -5.76 10.39
C ARG A 115 -22.38 -4.49 10.05
N ALA A 116 -21.43 -4.62 9.11
CA ALA A 116 -20.61 -3.50 8.68
C ALA A 116 -21.48 -2.37 8.13
N LYS A 117 -22.49 -2.72 7.33
CA LYS A 117 -23.36 -1.71 6.74
C LYS A 117 -24.17 -0.94 7.78
N ASP A 118 -24.47 -1.59 8.90
CA ASP A 118 -25.19 -0.93 9.95
C ASP A 118 -24.20 -0.09 10.79
N ILE A 119 -23.17 -0.67 11.37
CA ILE A 119 -22.13 0.02 12.10
C ILE A 119 -21.54 1.23 11.33
N ASN A 120 -21.36 1.13 10.00
CA ASN A 120 -20.58 2.15 9.30
C ASN A 120 -21.45 3.01 8.46
N GLN A 121 -22.76 2.94 8.67
CA GLN A 121 -23.67 3.72 7.87
C GLN A 121 -23.34 5.20 7.68
N GLU A 122 -22.88 5.89 8.71
CA GLU A 122 -22.57 7.29 8.59
C GLU A 122 -21.47 7.49 7.57
N VAL A 123 -20.46 6.64 7.64
CA VAL A 123 -19.35 6.78 6.73
C VAL A 123 -19.68 6.36 5.29
N TYR A 124 -20.38 5.24 5.09
CA TYR A 124 -20.72 4.82 3.73
C TYR A 124 -21.62 5.84 3.09
N ASN A 125 -22.48 6.44 3.88
CA ASN A 125 -23.35 7.52 3.45
C ASN A 125 -22.59 8.74 2.96
N PHE A 126 -21.61 9.15 3.76
CA PHE A 126 -20.79 10.30 3.45
C PHE A 126 -20.09 10.01 2.14
N LEU A 127 -19.44 8.85 1.98
CA LEU A 127 -18.71 8.59 0.75
C LEU A 127 -19.60 8.49 -0.48
N ALA A 128 -20.75 7.83 -0.40
CA ALA A 128 -21.66 7.74 -1.51
C ALA A 128 -22.20 9.12 -1.92
N THR A 129 -22.50 9.95 -0.93
CA THR A 129 -23.01 11.29 -1.19
C THR A 129 -21.92 12.20 -1.75
N ALA A 130 -20.70 12.17 -1.22
CA ALA A 130 -19.68 13.03 -1.73
C ALA A 130 -19.33 12.52 -3.13
N GLY A 131 -19.41 11.20 -3.34
CA GLY A 131 -19.16 10.61 -4.64
C GLY A 131 -20.14 11.09 -5.69
N ALA A 132 -21.46 11.08 -5.39
CA ALA A 132 -22.49 11.53 -6.32
C ALA A 132 -22.35 13.01 -6.64
N LYS A 133 -21.96 13.83 -5.64
CA LYS A 133 -21.84 15.26 -5.79
C LYS A 133 -20.62 15.62 -6.62
N TYR A 134 -19.44 15.04 -6.39
CA TYR A 134 -18.19 15.43 -7.09
C TYR A 134 -17.81 14.60 -8.31
N GLY A 135 -18.67 13.64 -8.63
CA GLY A 135 -18.58 12.87 -9.83
C GLY A 135 -17.61 11.74 -9.67
N VAL A 136 -17.59 11.05 -8.53
CA VAL A 136 -16.71 9.94 -8.26
C VAL A 136 -17.56 8.66 -8.26
N GLY A 137 -17.19 7.63 -9.01
CA GLY A 137 -17.91 6.36 -9.02
C GLY A 137 -17.68 5.64 -7.68
N PHE A 138 -18.67 4.89 -7.22
CA PHE A 138 -18.68 4.35 -5.87
C PHE A 138 -18.90 2.85 -5.91
N TRP A 139 -18.02 2.04 -5.37
CA TRP A 139 -18.21 0.61 -5.39
C TRP A 139 -18.64 0.32 -3.96
N ARG A 140 -19.85 -0.21 -3.79
CA ARG A 140 -20.48 -0.41 -2.48
C ARG A 140 -19.78 -1.40 -1.56
N PRO A 141 -19.97 -1.41 -0.22
CA PRO A 141 -19.41 -2.45 0.67
C PRO A 141 -19.82 -3.83 0.18
N GLY A 142 -18.91 -4.80 0.13
CA GLY A 142 -19.23 -6.14 -0.41
C GLY A 142 -18.69 -6.34 -1.84
N SER A 143 -18.56 -5.25 -2.62
CA SER A 143 -18.05 -5.23 -3.99
C SER A 143 -16.71 -5.88 -4.14
N GLY A 144 -15.75 -5.70 -3.21
CA GLY A 144 -14.44 -6.28 -3.38
C GLY A 144 -13.36 -5.33 -2.91
N ILE A 145 -12.14 -5.86 -2.88
CA ILE A 145 -10.96 -5.14 -2.41
C ILE A 145 -10.50 -4.27 -3.57
N ILE A 146 -10.09 -3.04 -3.32
CA ILE A 146 -9.75 -2.07 -4.30
C ILE A 146 -8.91 -2.63 -5.45
N HIS A 147 -7.83 -3.36 -5.22
CA HIS A 147 -6.92 -3.68 -6.28
C HIS A 147 -7.43 -4.76 -7.20
N GLN A 148 -8.32 -5.63 -6.70
CA GLN A 148 -8.89 -6.70 -7.48
C GLN A 148 -9.95 -6.08 -8.37
N ILE A 149 -10.77 -5.14 -7.90
CA ILE A 149 -11.75 -4.44 -8.73
C ILE A 149 -11.00 -3.66 -9.82
N ILE A 150 -9.86 -3.02 -9.51
CA ILE A 150 -9.10 -2.28 -10.50
C ILE A 150 -8.54 -3.26 -11.52
N LEU A 151 -7.91 -4.38 -11.17
CA LEU A 151 -7.40 -5.29 -12.19
C LEU A 151 -8.52 -5.78 -13.11
N GLU A 152 -9.68 -6.05 -12.53
CA GLU A 152 -10.78 -6.62 -13.28
C GLU A 152 -11.49 -5.63 -14.15
N ASN A 153 -11.38 -4.34 -13.86
CA ASN A 153 -12.21 -3.36 -14.54
C ASN A 153 -11.55 -2.13 -15.09
N TYR A 154 -10.43 -1.74 -14.51
CA TYR A 154 -9.85 -0.43 -14.79
C TYR A 154 -8.40 -0.33 -15.27
N ALA A 155 -7.59 -1.31 -14.91
CA ALA A 155 -6.19 -1.36 -15.28
C ALA A 155 -6.08 -1.85 -16.71
N TYR A 156 -5.20 -1.26 -17.47
CA TYR A 156 -4.96 -1.73 -18.84
C TYR A 156 -3.49 -1.40 -19.21
N PRO A 157 -2.86 -2.00 -20.25
CA PRO A 157 -1.47 -1.71 -20.61
C PRO A 157 -1.22 -0.22 -20.84
N GLY A 158 -0.22 0.37 -20.18
CA GLY A 158 0.04 1.79 -20.45
C GLY A 158 -0.72 2.84 -19.62
N VAL A 159 -1.63 2.45 -18.70
CA VAL A 159 -2.34 3.43 -17.88
C VAL A 159 -1.37 4.04 -16.88
N LEU A 160 -1.54 5.28 -16.44
CA LEU A 160 -0.79 5.79 -15.31
C LEU A 160 -1.92 6.02 -14.33
N LEU A 161 -1.95 5.23 -13.26
CA LEU A 161 -3.06 5.28 -12.32
C LEU A 161 -2.54 5.63 -10.91
N ILE A 162 -3.14 6.49 -10.09
CA ILE A 162 -2.64 6.67 -8.73
C ILE A 162 -3.74 6.22 -7.78
N GLY A 163 -3.40 5.64 -6.64
CA GLY A 163 -4.42 5.15 -5.71
C GLY A 163 -4.01 5.49 -4.29
N THR A 164 -4.93 5.83 -3.41
CA THR A 164 -4.56 6.14 -2.05
C THR A 164 -4.41 4.87 -1.26
N ASP A 165 -3.42 4.09 -1.62
CA ASP A 165 -3.19 2.82 -0.96
C ASP A 165 -1.82 2.40 -1.48
N SER A 166 -0.93 1.94 -0.66
CA SER A 166 0.40 1.54 -1.08
C SER A 166 0.39 0.23 -1.85
N HIS A 167 -0.65 -0.62 -1.92
CA HIS A 167 -0.57 -1.78 -2.82
C HIS A 167 -1.22 -1.49 -4.20
N THR A 168 -1.45 -0.23 -4.61
CA THR A 168 -1.84 0.13 -5.98
C THR A 168 -0.92 -0.46 -7.08
N PRO A 169 0.41 -0.70 -6.90
CA PRO A 169 1.28 -1.40 -7.84
C PRO A 169 0.82 -2.74 -8.38
N ASN A 170 -0.19 -3.32 -7.75
CA ASN A 170 -0.86 -4.56 -8.12
C ASN A 170 -1.20 -4.46 -9.59
N GLY A 171 -1.62 -3.27 -10.03
CA GLY A 171 -2.06 -3.02 -11.39
C GLY A 171 -0.94 -3.17 -12.43
N GLY A 172 0.35 -3.25 -12.01
CA GLY A 172 1.51 -3.50 -12.85
C GLY A 172 1.42 -4.87 -13.57
N GLY A 173 0.61 -5.77 -12.99
CA GLY A 173 0.34 -7.06 -13.59
C GLY A 173 -0.46 -6.94 -14.87
N LEU A 174 -1.02 -5.77 -15.23
CA LEU A 174 -1.64 -5.62 -16.55
C LEU A 174 -0.92 -4.50 -17.33
N GLY A 175 0.38 -4.33 -17.10
CA GLY A 175 1.25 -3.45 -17.90
C GLY A 175 1.12 -1.97 -17.68
N GLY A 176 0.52 -1.56 -16.56
CA GLY A 176 0.27 -0.15 -16.28
C GLY A 176 1.18 0.30 -15.17
N ILE A 177 1.33 1.61 -15.02
CA ILE A 177 2.13 2.16 -13.92
C ILE A 177 1.11 2.68 -12.89
N CYS A 178 1.06 2.00 -11.75
CA CYS A 178 0.02 2.19 -10.74
C CYS A 178 0.79 2.53 -9.49
N ILE A 179 0.60 3.75 -8.95
CA ILE A 179 1.43 4.24 -7.88
C ILE A 179 0.62 4.66 -6.69
N GLY A 180 1.11 4.21 -5.54
CA GLY A 180 0.51 4.56 -4.25
C GLY A 180 0.83 5.99 -3.84
N VAL A 181 -0.15 6.76 -3.36
CA VAL A 181 0.02 8.13 -2.88
C VAL A 181 -0.85 8.37 -1.63
N GLY A 182 -0.61 9.50 -0.94
CA GLY A 182 -1.46 9.99 0.14
C GLY A 182 -2.68 10.71 -0.45
N GLY A 183 -3.70 10.94 0.37
CA GLY A 183 -4.93 11.56 -0.08
C GLY A 183 -4.67 12.95 -0.69
N ALA A 184 -3.71 13.75 -0.20
CA ALA A 184 -3.49 15.06 -0.76
C ALA A 184 -2.94 15.06 -2.17
N ASP A 185 -2.25 14.00 -2.58
CA ASP A 185 -1.76 13.86 -3.94
C ASP A 185 -2.90 13.54 -4.87
N ALA A 186 -3.83 12.71 -4.43
CA ALA A 186 -5.04 12.40 -5.18
C ALA A 186 -5.87 13.65 -5.37
N VAL A 187 -5.92 14.58 -4.42
CA VAL A 187 -6.61 15.87 -4.53
C VAL A 187 -5.98 16.68 -5.65
N ASP A 188 -4.64 16.79 -5.76
CA ASP A 188 -4.03 17.45 -6.91
C ASP A 188 -4.59 16.96 -8.26
N VAL A 189 -4.63 15.65 -8.43
CA VAL A 189 -5.08 15.13 -9.70
C VAL A 189 -6.58 15.28 -9.87
N MET A 190 -7.39 15.08 -8.83
CA MET A 190 -8.80 15.31 -8.95
C MET A 190 -9.05 16.79 -9.21
N ALA A 191 -8.16 17.68 -8.80
CA ALA A 191 -8.32 19.08 -9.05
C ALA A 191 -7.78 19.49 -10.43
N GLY A 192 -7.07 18.67 -11.21
CA GLY A 192 -6.57 19.07 -12.53
C GLY A 192 -5.18 19.71 -12.47
N ILE A 193 -4.44 19.59 -11.38
CA ILE A 193 -3.13 20.20 -11.41
C ILE A 193 -2.11 19.07 -11.55
N PRO A 194 -0.98 19.32 -12.21
CA PRO A 194 0.07 18.34 -12.52
C PRO A 194 0.50 17.58 -11.28
N TRP A 195 0.69 16.27 -11.29
CA TRP A 195 1.13 15.55 -10.12
C TRP A 195 2.63 15.44 -10.18
N GLU A 196 3.38 15.61 -9.10
CA GLU A 196 4.82 15.50 -9.12
C GLU A 196 5.34 14.23 -8.54
N LEU A 197 6.33 13.66 -9.22
CA LEU A 197 6.95 12.43 -8.76
C LEU A 197 8.42 12.52 -9.04
N LYS A 198 9.25 12.17 -8.08
CA LYS A 198 10.68 12.12 -8.24
C LYS A 198 10.96 11.03 -9.28
N CYS A 199 11.71 11.43 -10.32
CA CYS A 199 12.06 10.54 -11.42
C CYS A 199 12.65 9.26 -10.87
N PRO A 200 12.07 8.09 -11.11
CA PRO A 200 12.62 6.89 -10.54
C PRO A 200 13.87 6.28 -11.16
N LYS A 201 14.63 5.60 -10.33
CA LYS A 201 15.65 4.69 -10.81
C LYS A 201 14.91 3.46 -11.34
N VAL A 202 15.47 2.52 -12.08
CA VAL A 202 14.76 1.35 -12.61
C VAL A 202 15.57 0.09 -12.26
N ILE A 203 15.04 -0.87 -11.49
CA ILE A 203 15.75 -2.10 -11.13
C ILE A 203 15.20 -3.11 -12.11
N GLY A 204 15.97 -3.86 -12.87
CA GLY A 204 15.43 -4.83 -13.79
C GLY A 204 15.50 -6.18 -13.09
N VAL A 205 14.47 -7.01 -13.22
CA VAL A 205 14.57 -8.37 -12.71
C VAL A 205 14.27 -9.26 -13.92
N LYS A 206 15.24 -10.03 -14.37
CA LYS A 206 15.09 -10.89 -15.53
C LYS A 206 14.70 -12.27 -15.05
N LEU A 207 13.60 -12.76 -15.58
CA LEU A 207 13.07 -14.01 -15.12
C LEU A 207 13.41 -14.97 -16.23
N THR A 208 13.88 -16.10 -15.78
CA THR A 208 14.32 -17.16 -16.66
C THR A 208 13.57 -18.45 -16.30
N GLY A 209 13.44 -19.39 -17.24
CA GLY A 209 12.83 -20.68 -16.96
C GLY A 209 11.33 -20.63 -16.79
N SER A 210 10.76 -21.55 -16.02
CA SER A 210 9.34 -21.49 -15.75
C SER A 210 9.05 -22.12 -14.40
N LEU A 211 7.91 -21.71 -13.86
CA LEU A 211 7.48 -22.21 -12.58
C LEU A 211 7.03 -23.66 -12.71
N SER A 212 7.34 -24.47 -11.70
CA SER A 212 6.93 -25.87 -11.64
C SER A 212 6.43 -26.27 -10.26
N GLY A 213 5.38 -27.09 -10.28
CA GLY A 213 4.84 -27.73 -9.09
C GLY A 213 4.33 -26.80 -8.03
N TRP A 214 4.97 -26.88 -6.87
CA TRP A 214 4.52 -26.06 -5.76
C TRP A 214 4.88 -24.59 -5.84
N THR A 215 5.93 -24.19 -6.58
CA THR A 215 6.33 -22.80 -6.72
C THR A 215 5.28 -21.98 -7.49
N SER A 216 4.94 -20.83 -6.94
CA SER A 216 3.91 -20.04 -7.52
C SER A 216 4.43 -18.62 -7.66
N PRO A 217 3.70 -17.70 -8.31
CA PRO A 217 4.14 -16.32 -8.47
C PRO A 217 4.49 -15.64 -7.16
N LYS A 218 3.82 -15.89 -6.04
CA LYS A 218 4.20 -15.32 -4.75
C LYS A 218 5.68 -15.54 -4.37
N ASP A 219 6.27 -16.71 -4.71
CA ASP A 219 7.66 -17.05 -4.38
C ASP A 219 8.65 -16.17 -5.04
N VAL A 220 8.35 -15.69 -6.26
CA VAL A 220 9.23 -14.74 -6.96
C VAL A 220 9.37 -13.48 -6.14
N ILE A 221 8.30 -12.89 -5.62
CA ILE A 221 8.48 -11.66 -4.87
C ILE A 221 8.88 -12.00 -3.42
N LEU A 222 8.60 -13.17 -2.83
CA LEU A 222 9.13 -13.50 -1.50
C LEU A 222 10.66 -13.60 -1.58
N LYS A 223 11.18 -14.14 -2.70
CA LYS A 223 12.61 -14.22 -2.96
C LYS A 223 13.25 -12.87 -3.21
N VAL A 224 12.64 -12.02 -4.05
CA VAL A 224 13.12 -10.67 -4.35
C VAL A 224 13.14 -9.88 -3.06
N ALA A 225 12.12 -9.89 -2.20
CA ALA A 225 12.12 -9.15 -0.93
C ALA A 225 13.27 -9.57 -0.04
N GLY A 226 13.60 -10.86 0.00
CA GLY A 226 14.70 -11.35 0.80
C GLY A 226 16.01 -10.80 0.27
N ILE A 227 16.20 -10.79 -1.06
CA ILE A 227 17.36 -10.22 -1.71
C ILE A 227 17.48 -8.70 -1.53
N LEU A 228 16.45 -7.93 -1.86
CA LEU A 228 16.54 -6.49 -1.87
C LEU A 228 16.42 -5.82 -0.52
N THR A 229 15.70 -6.51 0.38
CA THR A 229 15.30 -6.15 1.74
C THR A 229 14.20 -5.08 1.74
N VAL A 230 13.52 -4.72 2.85
CA VAL A 230 12.48 -3.71 2.82
C VAL A 230 12.92 -2.29 2.43
N LYS A 231 14.21 -1.97 2.46
CA LYS A 231 14.54 -0.64 2.00
C LYS A 231 15.29 -0.67 0.67
N GLY A 232 15.37 -1.81 0.00
CA GLY A 232 16.17 -1.93 -1.20
C GLY A 232 15.51 -1.35 -2.42
N GLY A 233 14.20 -1.16 -2.48
CA GLY A 233 13.58 -0.69 -3.71
C GLY A 233 13.23 0.77 -3.64
N THR A 234 13.58 1.49 -2.57
CA THR A 234 13.24 2.89 -2.39
C THR A 234 13.67 3.76 -3.58
N GLY A 235 12.77 4.57 -4.14
CA GLY A 235 13.14 5.49 -5.22
C GLY A 235 13.27 4.78 -6.58
N ALA A 236 12.93 3.51 -6.70
CA ALA A 236 12.98 2.80 -7.96
C ALA A 236 11.72 2.11 -8.43
N ILE A 237 11.50 1.98 -9.74
CA ILE A 237 10.44 1.12 -10.24
C ILE A 237 11.10 -0.23 -10.54
N VAL A 238 10.45 -1.35 -10.19
CA VAL A 238 10.96 -2.68 -10.50
C VAL A 238 10.31 -3.12 -11.81
N GLU A 239 11.08 -3.49 -12.82
CA GLU A 239 10.59 -3.84 -14.14
C GLU A 239 10.99 -5.28 -14.45
N TYR A 240 9.99 -6.14 -14.50
CA TYR A 240 10.23 -7.55 -14.73
C TYR A 240 10.32 -7.78 -16.21
N HIS A 241 11.26 -8.63 -16.66
CA HIS A 241 11.40 -8.90 -18.09
C HIS A 241 12.05 -10.28 -18.23
N GLY A 242 12.29 -10.74 -19.46
CA GLY A 242 13.00 -11.98 -19.68
C GLY A 242 12.04 -13.06 -20.17
N PRO A 243 12.54 -14.16 -20.77
CA PRO A 243 11.73 -15.27 -21.28
C PRO A 243 10.81 -15.92 -20.25
N GLY A 244 11.12 -15.85 -18.97
CA GLY A 244 10.34 -16.50 -17.96
C GLY A 244 9.03 -15.80 -17.73
N VAL A 245 8.83 -14.57 -18.19
CA VAL A 245 7.59 -13.82 -17.98
C VAL A 245 6.36 -14.48 -18.59
N ASP A 246 6.45 -15.08 -19.77
CA ASP A 246 5.31 -15.74 -20.41
C ASP A 246 4.80 -16.96 -19.66
N SER A 247 5.56 -17.42 -18.69
CA SER A 247 5.23 -18.52 -17.83
C SER A 247 4.31 -18.10 -16.70
N ILE A 248 4.07 -16.80 -16.44
CA ILE A 248 3.30 -16.37 -15.28
C ILE A 248 1.92 -15.89 -15.72
N SER A 249 0.81 -16.29 -15.08
CA SER A 249 -0.50 -15.78 -15.46
C SER A 249 -0.55 -14.27 -15.13
N CYS A 250 -1.51 -13.57 -15.72
CA CYS A 250 -1.71 -12.16 -15.47
C CYS A 250 -1.98 -11.86 -14.01
N THR A 251 -2.75 -12.67 -13.27
CA THR A 251 -3.00 -12.44 -11.87
C THR A 251 -1.77 -12.77 -11.09
N GLY A 252 -0.96 -13.71 -11.56
CA GLY A 252 0.30 -13.97 -10.91
C GLY A 252 1.22 -12.77 -10.98
N MET A 253 1.25 -12.07 -12.13
CA MET A 253 2.10 -10.89 -12.33
C MET A 253 1.62 -9.79 -11.41
N ALA A 254 0.31 -9.65 -11.23
CA ALA A 254 -0.26 -8.69 -10.30
C ALA A 254 0.21 -9.02 -8.87
N THR A 255 0.24 -10.30 -8.48
CA THR A 255 0.75 -10.73 -7.17
C THR A 255 2.18 -10.27 -6.94
N ILE A 256 3.03 -10.52 -7.92
CA ILE A 256 4.43 -10.09 -7.83
C ILE A 256 4.52 -8.55 -7.79
N CYS A 257 3.84 -7.80 -8.64
CA CYS A 257 3.87 -6.34 -8.58
C CYS A 257 3.31 -5.79 -7.26
N ASN A 258 2.28 -6.44 -6.71
CA ASN A 258 1.64 -6.00 -5.49
C ASN A 258 2.64 -5.91 -4.31
N MET A 259 3.33 -7.02 -4.03
CA MET A 259 4.18 -7.06 -2.86
C MET A 259 5.53 -6.38 -3.03
N GLY A 260 5.81 -5.80 -4.18
CA GLY A 260 6.98 -4.95 -4.37
C GLY A 260 6.82 -3.72 -3.52
N ALA A 261 5.62 -3.44 -3.03
CA ALA A 261 5.43 -2.41 -2.00
C ALA A 261 6.22 -2.69 -0.74
N GLU A 262 6.49 -3.95 -0.39
CA GLU A 262 7.26 -4.26 0.80
C GLU A 262 8.75 -4.05 0.69
N ILE A 263 9.28 -3.70 -0.48
CA ILE A 263 10.69 -3.31 -0.50
C ILE A 263 10.77 -1.82 -0.75
N GLY A 264 9.66 -1.06 -0.71
CA GLY A 264 9.72 0.40 -0.78
C GLY A 264 9.80 0.96 -2.19
N ALA A 265 9.63 0.11 -3.21
CA ALA A 265 9.67 0.46 -4.63
C ALA A 265 8.67 1.51 -4.99
N THR A 266 8.86 2.46 -5.92
CA THR A 266 7.76 3.32 -6.32
C THR A 266 6.57 2.57 -6.96
N THR A 267 6.82 1.50 -7.74
CA THR A 267 5.82 0.60 -8.30
C THR A 267 6.60 -0.52 -9.04
N SER A 268 5.92 -1.53 -9.58
CA SER A 268 6.55 -2.58 -10.36
C SER A 268 5.75 -2.73 -11.66
N VAL A 269 6.31 -3.27 -12.75
CA VAL A 269 5.54 -3.39 -14.00
C VAL A 269 6.07 -4.59 -14.78
N PHE A 270 5.17 -5.24 -15.54
CA PHE A 270 5.49 -6.34 -16.46
C PHE A 270 5.17 -5.84 -17.87
N PRO A 271 5.85 -6.27 -18.95
CA PRO A 271 5.54 -5.91 -20.34
C PRO A 271 4.28 -6.57 -20.88
N TYR A 272 3.54 -5.85 -21.73
CA TYR A 272 2.37 -6.42 -22.35
C TYR A 272 2.77 -7.68 -23.11
N ASN A 273 2.03 -8.75 -22.91
CA ASN A 273 2.25 -10.00 -23.54
C ASN A 273 0.91 -10.71 -23.66
N HIS A 274 0.97 -11.92 -24.22
CA HIS A 274 -0.23 -12.68 -24.50
C HIS A 274 -0.99 -13.14 -23.25
N ARG A 275 -0.40 -13.24 -22.06
CA ARG A 275 -1.16 -13.59 -20.86
C ARG A 275 -2.08 -12.44 -20.45
N MET A 276 -1.65 -11.18 -20.58
CA MET A 276 -2.48 -10.02 -20.31
C MET A 276 -3.59 -9.97 -21.33
N LYS A 277 -3.27 -10.18 -22.60
CA LYS A 277 -4.28 -10.15 -23.65
C LYS A 277 -5.43 -11.11 -23.39
N LYS A 278 -5.03 -12.31 -22.95
CA LYS A 278 -5.97 -13.35 -22.58
C LYS A 278 -6.85 -12.89 -21.40
N TYR A 279 -6.25 -12.32 -20.36
CA TYR A 279 -7.02 -11.82 -19.22
C TYR A 279 -7.95 -10.67 -19.64
N LEU A 280 -7.54 -9.68 -20.46
CA LEU A 280 -8.38 -8.59 -20.93
C LEU A 280 -9.56 -9.14 -21.69
N SER A 281 -9.36 -10.12 -22.58
CA SER A 281 -10.49 -10.71 -23.30
C SER A 281 -11.45 -11.45 -22.37
N LYS A 282 -10.99 -12.19 -21.35
CA LYS A 282 -11.90 -12.87 -20.45
C LYS A 282 -12.56 -11.89 -19.47
N THR A 283 -12.09 -10.64 -19.32
CA THR A 283 -12.77 -9.71 -18.44
C THR A 283 -13.56 -8.68 -19.24
N GLY A 284 -14.05 -9.03 -20.43
CA GLY A 284 -14.88 -8.15 -21.25
C GLY A 284 -14.10 -7.05 -21.96
N ARG A 285 -12.79 -7.10 -22.14
CA ARG A 285 -12.05 -5.99 -22.71
C ARG A 285 -11.17 -6.42 -23.89
N ALA A 286 -11.71 -7.26 -24.79
CA ALA A 286 -11.03 -7.67 -25.99
C ALA A 286 -10.69 -6.48 -26.88
N ASP A 287 -11.50 -5.44 -26.94
CA ASP A 287 -11.22 -4.23 -27.71
C ASP A 287 -10.00 -3.48 -27.20
N ILE A 288 -9.77 -3.49 -25.88
CA ILE A 288 -8.58 -2.88 -25.31
C ILE A 288 -7.40 -3.79 -25.63
N ALA A 289 -7.50 -5.12 -25.56
CA ALA A 289 -6.37 -5.98 -25.94
C ALA A 289 -6.05 -5.78 -27.42
N ASN A 290 -7.05 -5.55 -28.28
CA ASN A 290 -6.80 -5.35 -29.71
C ASN A 290 -6.12 -4.03 -29.97
N LEU A 291 -6.56 -2.97 -29.25
CA LEU A 291 -5.87 -1.67 -29.38
C LEU A 291 -4.43 -1.73 -28.90
N ALA A 292 -4.16 -2.37 -27.74
CA ALA A 292 -2.81 -2.51 -27.22
C ALA A 292 -2.02 -3.34 -28.21
N ASP A 293 -2.50 -4.37 -28.89
CA ASP A 293 -1.74 -5.02 -29.98
C ASP A 293 -1.25 -4.04 -31.04
N GLU A 294 -2.05 -3.07 -31.44
CA GLU A 294 -1.61 -2.09 -32.39
C GLU A 294 -0.60 -1.14 -31.78
N PHE A 295 -0.54 -0.89 -30.45
CA PHE A 295 0.51 -0.02 -29.91
C PHE A 295 1.59 -0.71 -29.08
N LYS A 296 1.69 -2.00 -29.30
CA LYS A 296 2.58 -2.91 -28.64
C LYS A 296 4.00 -2.46 -28.55
N ASP A 297 4.57 -1.80 -29.56
CA ASP A 297 5.95 -1.38 -29.39
C ASP A 297 6.16 -0.46 -28.21
N HIS A 298 5.15 0.36 -27.90
CA HIS A 298 5.22 1.33 -26.80
C HIS A 298 4.91 0.66 -25.44
N LEU A 299 4.52 -0.64 -25.42
CA LEU A 299 4.10 -1.33 -24.21
C LEU A 299 5.07 -2.43 -23.81
N VAL A 300 6.26 -2.46 -24.39
CA VAL A 300 7.31 -3.36 -24.03
C VAL A 300 8.57 -2.49 -23.92
N PRO A 301 9.64 -2.89 -23.23
CA PRO A 301 10.88 -2.08 -23.17
C PRO A 301 11.62 -1.98 -24.51
N ASP A 302 12.45 -0.96 -24.69
CA ASP A 302 13.30 -0.86 -25.87
C ASP A 302 14.43 -1.82 -25.74
N SER A 303 14.91 -2.18 -26.90
CA SER A 303 15.96 -3.15 -27.01
C SER A 303 17.20 -2.51 -26.41
N GLY A 304 17.88 -3.23 -25.53
CA GLY A 304 19.11 -2.69 -24.96
C GLY A 304 18.88 -1.55 -23.96
N CYS A 305 17.72 -1.44 -23.30
CA CYS A 305 17.51 -0.35 -22.35
C CYS A 305 18.34 -0.55 -21.08
N HIS A 306 18.74 0.51 -20.33
CA HIS A 306 19.60 0.33 -19.15
C HIS A 306 18.89 0.30 -17.80
N TYR A 307 19.15 -0.74 -17.05
CA TYR A 307 18.64 -0.85 -15.68
C TYR A 307 19.71 -0.40 -14.68
N ASP A 308 19.37 0.26 -13.59
CA ASP A 308 20.36 0.73 -12.64
C ASP A 308 20.87 -0.42 -11.77
N GLN A 309 20.12 -1.52 -11.74
CA GLN A 309 20.50 -2.70 -11.00
C GLN A 309 19.85 -3.84 -11.75
N LEU A 310 20.48 -5.00 -11.97
CA LEU A 310 19.82 -6.11 -12.60
C LEU A 310 19.79 -7.25 -11.62
N ILE A 311 18.72 -8.01 -11.47
CA ILE A 311 18.70 -9.19 -10.62
C ILE A 311 18.20 -10.28 -11.57
N GLU A 312 18.70 -11.51 -11.51
CA GLU A 312 18.21 -12.59 -12.38
C GLU A 312 17.63 -13.65 -11.49
N ILE A 313 16.44 -14.12 -11.85
CA ILE A 313 15.83 -15.20 -11.12
C ILE A 313 15.41 -16.29 -12.09
N ASN A 314 15.88 -17.48 -11.75
CA ASN A 314 15.57 -18.65 -12.57
C ASN A 314 14.40 -19.31 -11.90
N LEU A 315 13.26 -19.15 -12.52
CA LEU A 315 12.02 -19.70 -12.09
C LEU A 315 12.07 -21.21 -11.94
N SER A 316 12.90 -21.93 -12.70
CA SER A 316 12.87 -23.38 -12.62
C SER A 316 13.55 -23.87 -11.36
N GLU A 317 14.54 -23.13 -10.84
CA GLU A 317 15.16 -23.47 -9.59
C GLU A 317 14.47 -22.90 -8.34
N LEU A 318 13.52 -21.97 -8.52
CA LEU A 318 12.89 -21.34 -7.37
C LEU A 318 12.02 -22.36 -6.65
N LYS A 319 12.04 -22.44 -5.33
CA LYS A 319 11.21 -23.40 -4.62
C LYS A 319 10.36 -22.68 -3.58
N PRO A 320 9.27 -23.20 -3.00
CA PRO A 320 8.38 -22.46 -2.11
C PRO A 320 9.01 -21.70 -0.97
N HIS A 321 8.56 -20.49 -0.62
CA HIS A 321 9.13 -19.69 0.44
C HIS A 321 8.03 -19.30 1.38
N ILE A 322 8.41 -18.89 2.58
CA ILE A 322 7.52 -18.40 3.59
C ILE A 322 8.37 -17.33 4.28
N ASN A 323 7.82 -16.14 4.47
CA ASN A 323 8.58 -15.05 5.04
C ASN A 323 8.01 -14.53 6.34
N GLY A 324 8.93 -14.12 7.21
CA GLY A 324 8.63 -13.51 8.48
C GLY A 324 9.36 -14.26 9.59
N PRO A 325 9.15 -13.94 10.86
CA PRO A 325 7.92 -13.41 11.34
C PRO A 325 7.74 -11.94 11.57
N PHE A 326 8.58 -10.94 11.61
CA PHE A 326 8.01 -9.60 11.88
C PHE A 326 8.24 -8.50 10.86
N THR A 327 8.82 -8.99 9.76
CA THR A 327 9.21 -8.24 8.57
C THR A 327 8.91 -9.17 7.41
N PRO A 328 8.52 -8.59 6.26
CA PRO A 328 8.33 -9.35 5.04
C PRO A 328 9.63 -9.76 4.30
N ASP A 329 10.83 -9.23 4.58
CA ASP A 329 12.08 -9.60 3.88
C ASP A 329 12.86 -10.71 4.55
N LEU A 330 12.45 -11.18 5.74
CA LEU A 330 13.11 -12.32 6.37
C LEU A 330 12.61 -13.58 5.65
N ALA A 331 13.30 -14.06 4.61
CA ALA A 331 12.80 -15.14 3.77
C ALA A 331 13.23 -16.53 4.15
N HIS A 332 12.45 -17.60 4.07
CA HIS A 332 12.96 -18.95 4.38
C HIS A 332 12.31 -19.84 3.34
N PRO A 333 12.93 -20.86 2.82
CA PRO A 333 12.25 -21.91 2.09
C PRO A 333 11.32 -22.60 3.09
N VAL A 334 10.21 -23.10 2.56
CA VAL A 334 9.21 -23.75 3.41
C VAL A 334 9.90 -24.95 4.07
N ALA A 335 10.63 -25.73 3.26
CA ALA A 335 11.50 -26.81 3.71
C ALA A 335 12.35 -26.53 4.96
N GLU A 336 12.75 -25.30 5.24
CA GLU A 336 13.60 -25.09 6.39
C GLU A 336 12.96 -24.25 7.45
N VAL A 337 11.78 -23.68 7.20
CA VAL A 337 11.22 -22.83 8.24
C VAL A 337 10.93 -23.63 9.52
N GLY A 338 10.53 -24.91 9.44
CA GLY A 338 10.21 -25.73 10.62
C GLY A 338 11.41 -25.85 11.55
N SER A 339 12.59 -25.93 10.96
CA SER A 339 13.83 -26.06 11.71
C SER A 339 14.30 -24.70 12.21
N VAL A 340 14.06 -23.58 11.52
CA VAL A 340 14.49 -22.25 11.97
C VAL A 340 13.60 -21.75 13.11
N ALA A 341 12.32 -22.12 13.02
CA ALA A 341 11.36 -21.74 14.03
C ALA A 341 11.76 -22.33 15.37
N GLU A 342 12.01 -23.65 15.32
CA GLU A 342 12.45 -24.46 16.45
C GLU A 342 13.66 -23.79 17.09
N LYS A 343 14.66 -23.50 16.26
CA LYS A 343 15.81 -22.75 16.73
C LYS A 343 15.47 -21.39 17.34
N GLU A 344 14.66 -20.54 16.71
CA GLU A 344 14.46 -19.18 17.19
C GLU A 344 13.40 -18.99 18.26
N GLY A 345 12.67 -20.07 18.54
CA GLY A 345 11.60 -20.02 19.51
C GLY A 345 10.36 -19.36 18.93
N TRP A 346 10.02 -19.73 17.70
CA TRP A 346 8.80 -19.25 17.09
C TRP A 346 7.86 -20.42 17.20
N PRO A 347 6.60 -20.23 17.61
CA PRO A 347 5.63 -21.30 17.79
C PRO A 347 5.51 -22.10 16.52
N LEU A 348 5.57 -23.41 16.67
CA LEU A 348 5.49 -24.29 15.52
C LEU A 348 4.07 -24.62 15.14
N ASP A 349 3.12 -24.43 16.05
CA ASP A 349 1.75 -24.76 15.77
C ASP A 349 1.07 -23.48 15.33
N ILE A 350 0.37 -23.76 14.25
CA ILE A 350 -0.35 -22.72 13.52
C ILE A 350 -1.78 -22.71 14.01
N ARG A 351 -2.15 -21.59 14.61
CA ARG A 351 -3.48 -21.42 15.13
C ARG A 351 -4.45 -21.14 13.98
N VAL A 352 -4.09 -20.18 13.09
CA VAL A 352 -4.96 -19.77 11.98
C VAL A 352 -4.16 -19.70 10.67
N GLY A 353 -4.76 -20.22 9.59
CA GLY A 353 -4.30 -20.11 8.22
C GLY A 353 -5.30 -19.22 7.45
N LEU A 354 -4.83 -18.13 6.82
CA LEU A 354 -5.70 -17.16 6.15
C LEU A 354 -5.35 -16.98 4.68
N ILE A 355 -6.21 -17.26 3.71
CA ILE A 355 -5.88 -17.07 2.32
C ILE A 355 -6.75 -15.95 1.79
N GLY A 356 -6.25 -15.41 0.68
CA GLY A 356 -6.88 -14.29 0.05
C GLY A 356 -6.08 -12.98 0.20
N SER A 357 -6.88 -11.91 0.33
CA SER A 357 -6.49 -10.51 0.27
C SER A 357 -6.16 -10.19 -1.21
N CYS A 358 -6.01 -8.95 -1.65
CA CYS A 358 -5.79 -8.59 -3.07
C CYS A 358 -4.52 -9.22 -3.70
N THR A 359 -3.53 -9.45 -2.81
CA THR A 359 -2.30 -10.13 -3.14
C THR A 359 -2.57 -11.52 -3.61
N ASN A 360 -3.57 -12.29 -3.16
CA ASN A 360 -3.64 -13.67 -3.54
C ASN A 360 -5.06 -14.15 -3.43
N SER A 361 -5.94 -13.46 -4.11
CA SER A 361 -7.32 -13.92 -4.12
C SER A 361 -7.91 -14.13 -5.48
N SER A 362 -7.08 -14.53 -6.44
CA SER A 362 -7.54 -14.67 -7.79
C SER A 362 -8.24 -15.99 -7.96
N TYR A 363 -8.82 -16.21 -9.13
CA TYR A 363 -9.48 -17.45 -9.47
C TYR A 363 -8.46 -18.58 -9.51
N GLU A 364 -7.26 -18.33 -10.01
CA GLU A 364 -6.22 -19.36 -10.04
C GLU A 364 -5.76 -19.64 -8.60
N ASP A 365 -5.66 -18.64 -7.72
CA ASP A 365 -5.23 -18.87 -6.36
C ASP A 365 -6.23 -19.73 -5.62
N MET A 366 -7.53 -19.44 -5.77
CA MET A 366 -8.59 -20.20 -5.14
C MET A 366 -8.63 -21.60 -5.74
N GLY A 367 -8.39 -21.76 -7.02
CA GLY A 367 -8.37 -23.07 -7.65
C GLY A 367 -7.22 -23.94 -7.13
N ARG A 368 -6.06 -23.33 -6.92
CA ARG A 368 -4.92 -24.06 -6.46
C ARG A 368 -5.09 -24.48 -5.01
N SER A 369 -5.59 -23.60 -4.12
CA SER A 369 -5.93 -23.94 -2.74
C SER A 369 -6.98 -25.04 -2.71
N ALA A 370 -8.05 -24.99 -3.52
CA ALA A 370 -9.08 -26.03 -3.59
C ALA A 370 -8.48 -27.36 -4.04
N ALA A 371 -7.48 -27.33 -4.93
CA ALA A 371 -6.82 -28.54 -5.38
C ALA A 371 -6.05 -29.24 -4.28
N VAL A 372 -5.45 -28.51 -3.35
CA VAL A 372 -4.76 -29.08 -2.21
C VAL A 372 -5.81 -29.61 -1.22
N ALA A 373 -6.82 -28.78 -0.93
CA ALA A 373 -7.91 -29.15 -0.08
C ALA A 373 -8.63 -30.37 -0.60
N LYS A 374 -8.92 -30.60 -1.90
CA LYS A 374 -9.66 -31.80 -2.31
C LYS A 374 -8.90 -33.08 -2.01
N GLN A 375 -7.57 -33.03 -1.91
CA GLN A 375 -6.77 -34.20 -1.63
C GLN A 375 -6.91 -34.62 -0.18
N ALA A 376 -6.88 -33.63 0.71
CA ALA A 376 -7.02 -33.87 2.13
C ALA A 376 -8.38 -34.48 2.44
N LEU A 377 -9.38 -33.91 1.78
CA LEU A 377 -10.75 -34.38 1.87
C LEU A 377 -10.85 -35.80 1.40
N ALA A 378 -10.21 -36.17 0.30
CA ALA A 378 -10.21 -37.52 -0.20
C ALA A 378 -9.59 -38.49 0.79
N HIS A 379 -8.89 -38.06 1.83
CA HIS A 379 -8.38 -38.99 2.87
C HIS A 379 -9.08 -38.79 4.22
N GLY A 380 -10.23 -38.13 4.23
CA GLY A 380 -10.96 -37.88 5.45
C GLY A 380 -10.30 -36.84 6.35
N LEU A 381 -9.52 -35.89 5.82
CA LEU A 381 -8.99 -34.90 6.73
C LEU A 381 -9.65 -33.55 6.56
N LYS A 382 -9.44 -32.69 7.55
CA LYS A 382 -9.91 -31.32 7.53
C LYS A 382 -8.77 -30.58 8.21
N CYS A 383 -8.85 -29.28 8.18
CA CYS A 383 -7.82 -28.45 8.75
C CYS A 383 -7.66 -28.66 10.24
N LYS A 384 -6.42 -28.70 10.69
CA LYS A 384 -6.14 -28.74 12.11
C LYS A 384 -6.14 -27.27 12.51
N SER A 385 -5.64 -26.30 11.73
CA SER A 385 -5.71 -24.91 12.16
C SER A 385 -7.07 -24.36 11.79
N GLN A 386 -7.44 -23.24 12.36
CA GLN A 386 -8.61 -22.52 11.87
C GLN A 386 -8.25 -22.03 10.45
N PHE A 387 -9.18 -21.83 9.53
CA PHE A 387 -8.86 -21.52 8.16
C PHE A 387 -9.85 -20.49 7.58
N THR A 388 -9.41 -19.32 7.07
CA THR A 388 -10.35 -18.32 6.56
C THR A 388 -10.02 -18.03 5.09
N ILE A 389 -11.01 -17.61 4.30
CA ILE A 389 -10.83 -17.42 2.88
C ILE A 389 -11.48 -16.07 2.58
N THR A 390 -10.68 -15.12 2.07
CA THR A 390 -11.19 -13.83 1.61
C THR A 390 -11.16 -13.79 0.08
N PRO A 391 -12.29 -13.92 -0.64
CA PRO A 391 -12.43 -13.59 -2.08
C PRO A 391 -12.09 -12.12 -2.31
N GLY A 392 -11.30 -11.82 -3.35
CA GLY A 392 -10.91 -10.46 -3.66
C GLY A 392 -12.05 -9.61 -4.25
N SER A 393 -13.13 -10.14 -4.83
CA SER A 393 -14.17 -9.32 -5.42
C SER A 393 -15.42 -10.17 -5.44
N GLU A 394 -16.54 -9.55 -5.74
CA GLU A 394 -17.81 -10.24 -5.89
C GLU A 394 -17.80 -11.16 -7.07
N GLN A 395 -17.25 -10.72 -8.21
CA GLN A 395 -17.10 -11.60 -9.34
C GLN A 395 -16.28 -12.84 -8.99
N ILE A 396 -15.13 -12.74 -8.29
CA ILE A 396 -14.42 -13.95 -7.91
C ILE A 396 -15.26 -14.78 -6.93
N ARG A 397 -15.94 -14.21 -5.91
CA ARG A 397 -16.79 -15.00 -5.01
C ARG A 397 -17.87 -15.71 -5.83
N ALA A 398 -18.61 -15.06 -6.73
CA ALA A 398 -19.65 -15.73 -7.52
C ALA A 398 -19.11 -16.81 -8.44
N THR A 399 -17.96 -16.57 -9.07
CA THR A 399 -17.36 -17.58 -9.95
C THR A 399 -16.76 -18.72 -9.14
N ILE A 400 -16.07 -18.60 -8.01
CA ILE A 400 -15.53 -19.78 -7.38
C ILE A 400 -16.66 -20.55 -6.71
N GLU A 401 -17.74 -19.87 -6.41
CA GLU A 401 -18.90 -20.52 -5.85
C GLU A 401 -19.50 -21.41 -6.93
N ARG A 402 -19.69 -20.82 -8.12
CA ARG A 402 -20.25 -21.50 -9.25
C ARG A 402 -19.39 -22.68 -9.68
N ASP A 403 -18.07 -22.54 -9.77
CA ASP A 403 -17.26 -23.62 -10.24
C ASP A 403 -16.88 -24.52 -9.10
N GLY A 404 -17.47 -24.40 -7.92
CA GLY A 404 -17.30 -25.39 -6.86
C GLY A 404 -16.07 -25.30 -6.00
N TYR A 405 -15.23 -24.28 -6.06
CA TYR A 405 -14.03 -24.23 -5.25
C TYR A 405 -14.42 -23.81 -3.85
N ALA A 406 -15.45 -22.97 -3.68
CA ALA A 406 -15.79 -22.48 -2.34
C ALA A 406 -16.30 -23.61 -1.43
N GLN A 407 -17.12 -24.51 -2.01
CA GLN A 407 -17.58 -25.67 -1.28
C GLN A 407 -16.44 -26.60 -0.87
N VAL A 408 -15.40 -26.88 -1.67
CA VAL A 408 -14.25 -27.67 -1.25
C VAL A 408 -13.60 -26.99 -0.07
N LEU A 409 -13.40 -25.67 -0.14
CA LEU A 409 -12.76 -24.94 0.96
C LEU A 409 -13.61 -24.91 2.21
N ARG A 410 -14.95 -24.81 2.10
CA ARG A 410 -15.82 -24.98 3.24
C ARG A 410 -15.72 -26.41 3.77
N ASP A 411 -15.78 -27.43 2.93
CA ASP A 411 -15.72 -28.79 3.44
C ASP A 411 -14.43 -29.09 4.20
N VAL A 412 -13.22 -28.55 3.88
CA VAL A 412 -12.05 -28.81 4.72
C VAL A 412 -12.04 -28.06 6.01
N GLY A 413 -13.04 -27.22 6.31
CA GLY A 413 -13.13 -26.52 7.58
C GLY A 413 -12.90 -25.02 7.48
N GLY A 414 -12.97 -24.43 6.28
CA GLY A 414 -12.73 -23.01 6.10
C GLY A 414 -13.97 -22.13 6.26
N ILE A 415 -13.80 -20.88 6.66
CA ILE A 415 -14.93 -19.94 6.77
C ILE A 415 -14.66 -18.87 5.69
N VAL A 416 -15.64 -18.60 4.83
CA VAL A 416 -15.50 -17.59 3.78
C VAL A 416 -15.94 -16.25 4.36
N LEU A 417 -15.04 -15.28 4.31
CA LEU A 417 -15.24 -13.96 4.87
C LEU A 417 -15.74 -13.04 3.77
N ALA A 418 -16.23 -11.86 4.14
CA ALA A 418 -16.76 -10.92 3.16
C ALA A 418 -15.61 -10.51 2.18
N ASN A 419 -15.93 -9.93 1.02
CA ASN A 419 -14.93 -9.55 0.01
C ASN A 419 -14.33 -8.23 0.50
N ALA A 420 -13.40 -8.25 1.45
CA ALA A 420 -12.88 -7.03 2.07
C ALA A 420 -11.52 -7.33 2.68
N CYS A 421 -10.74 -6.30 3.03
CA CYS A 421 -9.44 -6.47 3.67
C CYS A 421 -9.54 -7.33 4.92
N GLY A 422 -10.47 -7.05 5.82
CA GLY A 422 -10.64 -7.88 7.01
C GLY A 422 -9.35 -8.08 7.77
N PRO A 423 -8.88 -9.33 8.03
CA PRO A 423 -7.72 -9.60 8.86
C PRO A 423 -6.45 -8.96 8.31
N CYS A 424 -6.36 -8.67 7.00
CA CYS A 424 -5.17 -8.00 6.48
C CYS A 424 -4.87 -6.63 7.08
N ILE A 425 -5.78 -5.78 7.58
CA ILE A 425 -5.42 -4.51 8.25
C ILE A 425 -5.95 -4.63 9.69
N GLY A 426 -6.04 -5.83 10.28
CA GLY A 426 -6.49 -5.95 11.66
C GLY A 426 -7.99 -5.80 11.82
N GLN A 427 -8.88 -5.93 10.82
CA GLN A 427 -10.34 -5.85 11.06
C GLN A 427 -10.81 -7.29 11.24
N TRP A 428 -10.50 -7.84 12.42
CA TRP A 428 -10.67 -9.24 12.74
C TRP A 428 -11.03 -9.26 14.21
N ASP A 429 -12.20 -9.75 14.60
CA ASP A 429 -12.51 -9.92 16.02
C ASP A 429 -11.97 -11.28 16.46
N ARG A 430 -10.66 -11.32 16.72
CA ARG A 430 -9.90 -12.54 17.06
C ARG A 430 -9.98 -12.90 18.54
N LYS A 431 -10.53 -14.06 18.91
CA LYS A 431 -10.82 -14.29 20.32
C LYS A 431 -10.17 -15.50 20.95
N ASP A 432 -9.54 -16.30 20.06
CA ASP A 432 -8.87 -17.55 20.41
C ASP A 432 -7.58 -17.45 21.18
N ILE A 433 -6.93 -16.29 21.28
CA ILE A 433 -5.67 -16.14 22.00
C ILE A 433 -5.89 -14.95 22.88
N LYS A 434 -5.21 -14.73 24.00
CA LYS A 434 -5.45 -13.52 24.76
C LYS A 434 -4.48 -12.50 24.20
N LYS A 435 -4.56 -11.22 24.57
CA LYS A 435 -3.56 -10.31 24.04
C LYS A 435 -2.26 -10.62 24.78
N GLY A 436 -1.16 -10.48 24.08
CA GLY A 436 0.13 -10.80 24.62
C GLY A 436 0.35 -12.29 24.53
N GLU A 437 -0.55 -13.15 24.04
CA GLU A 437 -0.28 -14.58 24.02
C GLU A 437 0.54 -14.84 22.77
N LYS A 438 1.65 -15.52 22.89
CA LYS A 438 2.53 -15.80 21.78
C LYS A 438 1.92 -16.92 20.97
N ASN A 439 1.85 -16.76 19.65
CA ASN A 439 1.21 -17.75 18.77
C ASN A 439 1.65 -17.49 17.32
N THR A 440 1.44 -18.47 16.44
CA THR A 440 1.73 -18.37 15.02
C THR A 440 0.53 -18.53 14.07
N ILE A 441 0.45 -17.59 13.10
CA ILE A 441 -0.55 -17.65 12.05
C ILE A 441 0.16 -17.56 10.70
N VAL A 442 -0.29 -18.25 9.66
CA VAL A 442 0.33 -18.06 8.37
C VAL A 442 -0.72 -17.57 7.34
N THR A 443 -0.33 -16.60 6.51
CA THR A 443 -1.24 -15.92 5.61
C THR A 443 -0.78 -15.93 4.18
N SER A 444 -1.62 -15.74 3.17
CA SER A 444 -1.09 -15.45 1.86
C SER A 444 -1.20 -13.92 1.73
N TYR A 445 -0.93 -13.12 2.75
CA TYR A 445 -1.01 -11.67 2.61
C TYR A 445 0.34 -11.12 2.15
N ASN A 446 0.77 -9.96 2.62
CA ASN A 446 1.98 -9.31 2.21
C ASN A 446 2.70 -8.67 3.41
N ARG A 447 2.09 -7.84 4.24
CA ARG A 447 2.77 -7.29 5.40
C ARG A 447 2.54 -8.21 6.58
N ASN A 448 3.53 -8.34 7.45
CA ASN A 448 3.41 -9.20 8.61
C ASN A 448 4.04 -8.53 9.81
N PHE A 449 3.91 -7.19 9.89
CA PHE A 449 4.48 -6.40 10.97
C PHE A 449 3.73 -6.58 12.30
N THR A 450 4.41 -6.40 13.42
CA THR A 450 3.85 -6.47 14.77
C THR A 450 2.50 -5.79 15.04
N GLY A 451 1.58 -6.67 15.47
CA GLY A 451 0.25 -6.29 15.89
C GLY A 451 -0.66 -5.85 14.75
N ARG A 452 -0.33 -6.13 13.51
CA ARG A 452 -1.14 -5.62 12.42
C ARG A 452 -2.35 -6.46 12.05
N ASN A 453 -2.28 -7.79 12.19
CA ASN A 453 -3.43 -8.60 11.86
C ASN A 453 -4.39 -8.73 13.02
N ASP A 454 -3.95 -8.58 14.27
CA ASP A 454 -4.85 -8.79 15.39
C ASP A 454 -4.48 -7.94 16.59
N ALA A 455 -3.67 -6.90 16.39
CA ALA A 455 -3.19 -6.03 17.48
C ALA A 455 -2.46 -6.77 18.59
N ASN A 456 -2.09 -8.04 18.45
CA ASN A 456 -1.31 -8.72 19.43
C ASN A 456 0.13 -8.70 18.93
N PRO A 457 1.02 -7.98 19.60
CA PRO A 457 2.45 -7.98 19.33
C PRO A 457 3.16 -9.34 19.35
N GLU A 458 2.61 -10.33 20.04
CA GLU A 458 3.26 -11.61 20.09
C GLU A 458 2.74 -12.63 19.08
N THR A 459 1.92 -12.18 18.13
CA THR A 459 1.52 -13.10 17.07
C THR A 459 2.62 -13.02 16.04
N HIS A 460 3.04 -14.20 15.60
CA HIS A 460 4.14 -14.37 14.69
C HIS A 460 3.43 -14.61 13.37
N ALA A 461 3.40 -13.68 12.41
CA ALA A 461 2.69 -13.92 11.15
C ALA A 461 3.68 -14.21 10.03
N PHE A 462 3.50 -15.26 9.26
CA PHE A 462 4.39 -15.67 8.17
C PHE A 462 3.59 -15.47 6.88
N VAL A 463 4.13 -14.86 5.82
CA VAL A 463 3.39 -14.71 4.59
C VAL A 463 3.95 -15.72 3.60
N THR A 464 3.09 -16.40 2.87
CA THR A 464 3.46 -17.34 1.86
C THR A 464 2.37 -17.32 0.74
N SER A 465 2.31 -18.31 -0.15
CA SER A 465 1.31 -18.47 -1.17
C SER A 465 0.03 -19.15 -0.62
N PRO A 466 -1.16 -19.00 -1.20
CA PRO A 466 -2.37 -19.62 -0.72
C PRO A 466 -2.30 -21.15 -0.73
N GLU A 467 -1.73 -21.85 -1.71
CA GLU A 467 -1.61 -23.31 -1.70
C GLU A 467 -0.72 -23.77 -0.56
N ILE A 468 0.36 -23.07 -0.21
CA ILE A 468 1.10 -23.46 0.94
C ILE A 468 0.32 -23.19 2.23
N VAL A 469 -0.39 -22.04 2.44
CA VAL A 469 -1.21 -21.82 3.63
C VAL A 469 -2.19 -22.99 3.76
N THR A 470 -2.84 -23.41 2.68
CA THR A 470 -3.78 -24.53 2.79
C THR A 470 -3.08 -25.83 3.24
N ALA A 471 -1.91 -26.19 2.68
CA ALA A 471 -1.22 -27.42 3.03
C ALA A 471 -0.81 -27.37 4.49
N LEU A 472 -0.27 -26.24 4.94
CA LEU A 472 0.10 -26.08 6.34
C LEU A 472 -1.08 -25.96 7.28
N ALA A 473 -2.29 -25.58 6.83
CA ALA A 473 -3.47 -25.47 7.70
C ALA A 473 -4.02 -26.87 8.00
N ILE A 474 -3.92 -27.74 6.99
CA ILE A 474 -4.27 -29.13 7.10
C ILE A 474 -3.28 -29.79 8.10
N ALA A 475 -1.98 -29.51 8.00
CA ALA A 475 -1.02 -30.08 8.92
C ALA A 475 -1.02 -29.46 10.29
N GLY A 476 -1.28 -28.17 10.39
CA GLY A 476 -1.37 -27.50 11.67
C GLY A 476 -0.03 -27.14 12.26
N THR A 477 1.06 -27.40 11.52
CA THR A 477 2.38 -27.12 12.02
C THR A 477 3.28 -26.69 10.86
N LEU A 478 4.19 -25.79 11.23
CA LEU A 478 5.27 -25.32 10.38
C LEU A 478 6.24 -26.44 10.05
N LYS A 479 6.32 -27.42 10.95
CA LYS A 479 7.19 -28.56 10.75
C LYS A 479 6.45 -29.54 9.85
N PHE A 480 6.17 -29.09 8.65
CA PHE A 480 5.51 -29.89 7.64
C PHE A 480 6.01 -29.23 6.36
N ASN A 481 6.54 -30.03 5.45
CA ASN A 481 6.94 -29.50 4.17
C ASN A 481 6.12 -30.24 3.15
N PRO A 482 5.19 -29.59 2.45
CA PRO A 482 4.25 -30.24 1.56
C PRO A 482 4.92 -31.03 0.45
N GLU A 483 6.16 -30.68 0.06
CA GLU A 483 6.85 -31.42 -0.99
C GLU A 483 7.39 -32.73 -0.47
N THR A 484 7.82 -32.85 0.78
CA THR A 484 8.42 -34.10 1.19
C THR A 484 7.61 -34.98 2.13
N ASP A 485 6.97 -34.34 3.10
CA ASP A 485 6.28 -35.03 4.15
C ASP A 485 4.92 -35.65 3.83
N PHE A 486 4.65 -36.57 4.75
CA PHE A 486 3.49 -37.43 4.75
C PHE A 486 2.42 -37.08 5.78
N LEU A 487 1.16 -37.15 5.36
CA LEU A 487 0.03 -36.96 6.24
C LEU A 487 -0.60 -38.33 6.47
N THR A 488 -1.46 -38.53 7.45
CA THR A 488 -2.01 -39.86 7.62
C THR A 488 -3.51 -39.70 7.48
N GLY A 489 -4.15 -40.41 6.56
CA GLY A 489 -5.56 -40.27 6.40
C GLY A 489 -6.32 -40.90 7.59
N LYS A 490 -7.62 -40.86 7.36
CA LYS A 490 -8.59 -41.39 8.28
C LYS A 490 -8.41 -42.91 8.48
N ASP A 491 -8.22 -43.53 7.31
CA ASP A 491 -8.05 -44.95 7.04
C ASP A 491 -6.72 -45.53 7.52
N GLY A 492 -5.82 -44.75 8.10
CA GLY A 492 -4.56 -45.26 8.55
C GLY A 492 -3.46 -45.12 7.50
N LYS A 493 -3.69 -44.93 6.19
CA LYS A 493 -2.59 -44.79 5.23
C LYS A 493 -1.90 -43.42 5.17
N LYS A 494 -0.56 -43.46 5.09
CA LYS A 494 0.23 -42.26 4.90
C LYS A 494 0.01 -41.84 3.46
N PHE A 495 -0.08 -40.54 3.22
CA PHE A 495 -0.24 -40.03 1.87
C PHE A 495 0.54 -38.74 1.76
N LYS A 496 0.93 -38.43 0.52
CA LYS A 496 1.67 -37.22 0.26
C LYS A 496 0.81 -36.32 -0.63
N LEU A 497 0.80 -35.02 -0.33
CA LEU A 497 0.11 -34.05 -1.18
C LEU A 497 0.77 -33.84 -2.53
N GLU A 498 0.00 -34.02 -3.60
CA GLU A 498 0.41 -33.73 -4.96
C GLU A 498 0.35 -32.20 -5.14
N ALA A 499 1.23 -31.70 -5.98
CA ALA A 499 1.36 -30.28 -6.26
C ALA A 499 0.10 -29.81 -6.98
N PRO A 500 -0.45 -28.66 -6.61
CA PRO A 500 -1.74 -28.27 -7.12
C PRO A 500 -1.66 -27.89 -8.59
N ASP A 501 -2.64 -28.28 -9.36
CA ASP A 501 -2.77 -27.82 -10.72
C ASP A 501 -4.18 -27.26 -10.79
N ALA A 502 -4.40 -26.19 -11.57
CA ALA A 502 -5.71 -25.58 -11.69
C ALA A 502 -5.76 -24.60 -12.85
N ASP A 503 -6.93 -24.35 -13.44
CA ASP A 503 -7.09 -23.36 -14.49
C ASP A 503 -6.77 -21.96 -14.02
N GLU A 504 -6.18 -21.12 -14.88
CA GLU A 504 -5.88 -19.78 -14.42
C GLU A 504 -7.09 -18.90 -14.54
N LEU A 505 -8.01 -19.17 -15.45
CA LEU A 505 -9.17 -18.31 -15.65
C LEU A 505 -10.33 -19.29 -15.84
N PRO A 506 -11.61 -18.97 -15.62
CA PRO A 506 -12.70 -19.89 -15.76
C PRO A 506 -12.86 -20.27 -17.22
N ARG A 507 -13.21 -21.52 -17.43
CA ARG A 507 -13.44 -22.01 -18.76
C ARG A 507 -14.64 -21.27 -19.29
N ALA A 508 -15.69 -21.18 -18.47
CA ALA A 508 -16.83 -20.38 -18.88
C ALA A 508 -16.50 -18.92 -18.59
N GLU A 509 -17.41 -17.98 -18.79
CA GLU A 509 -17.10 -16.61 -18.41
C GLU A 509 -17.10 -16.43 -16.90
N PHE A 510 -16.65 -15.29 -16.43
CA PHE A 510 -16.72 -14.97 -15.03
C PHE A 510 -18.18 -14.70 -14.74
N ASP A 511 -18.64 -14.94 -13.52
CA ASP A 511 -20.01 -14.68 -13.15
C ASP A 511 -19.80 -13.37 -12.41
N PRO A 512 -20.39 -12.27 -12.87
CA PRO A 512 -20.18 -10.97 -12.28
C PRO A 512 -20.71 -10.81 -10.87
N GLY A 513 -21.57 -11.73 -10.41
CA GLY A 513 -22.16 -11.64 -9.08
C GLY A 513 -23.17 -10.50 -9.00
N GLN A 514 -23.48 -9.99 -7.81
CA GLN A 514 -24.48 -8.94 -7.72
C GLN A 514 -23.95 -7.52 -8.00
N ASP A 515 -24.92 -6.67 -8.37
CA ASP A 515 -24.79 -5.26 -8.72
C ASP A 515 -24.10 -4.48 -7.60
N THR A 516 -22.89 -3.97 -7.75
CA THR A 516 -22.32 -3.26 -6.62
C THR A 516 -21.79 -1.89 -6.97
N TYR A 517 -21.81 -1.48 -8.24
CA TYR A 517 -21.28 -0.20 -8.65
C TYR A 517 -22.36 0.85 -8.67
N GLN A 518 -22.06 2.06 -8.25
CA GLN A 518 -22.98 3.16 -8.27
C GLN A 518 -22.40 4.31 -9.09
N HIS A 519 -22.93 4.54 -10.30
CA HIS A 519 -22.40 5.58 -11.16
C HIS A 519 -22.85 6.95 -10.62
N PRO A 520 -22.06 8.05 -10.64
CA PRO A 520 -22.53 9.37 -10.27
C PRO A 520 -23.63 9.87 -11.19
N PRO A 521 -24.70 10.55 -10.76
CA PRO A 521 -25.65 11.23 -11.64
C PRO A 521 -24.80 12.31 -12.25
N LYS A 522 -24.47 12.35 -13.53
CA LYS A 522 -23.62 13.48 -13.93
C LYS A 522 -24.28 14.68 -14.59
N ASP A 523 -25.57 14.41 -14.45
CA ASP A 523 -26.73 15.24 -14.59
C ASP A 523 -26.84 15.79 -13.16
N SER A 524 -28.00 15.67 -12.51
CA SER A 524 -28.30 16.08 -11.16
C SER A 524 -27.22 16.60 -10.20
N SER A 525 -26.29 15.82 -9.63
CA SER A 525 -25.25 16.29 -8.70
C SER A 525 -25.59 17.32 -7.61
N GLY A 526 -26.87 17.61 -7.33
CA GLY A 526 -27.31 18.57 -6.31
C GLY A 526 -27.26 18.03 -4.87
N GLN A 527 -26.48 16.96 -4.57
CA GLN A 527 -26.34 16.43 -3.23
C GLN A 527 -25.73 17.43 -2.27
N ARG A 528 -26.19 17.32 -1.02
CA ARG A 528 -25.61 18.06 0.09
C ARG A 528 -24.83 17.01 0.86
N VAL A 529 -23.54 17.22 1.08
CA VAL A 529 -22.78 16.34 1.91
C VAL A 529 -23.02 16.82 3.35
N ASP A 530 -23.50 15.97 4.23
CA ASP A 530 -23.72 16.37 5.61
C ASP A 530 -22.75 15.69 6.56
N VAL A 531 -22.05 16.53 7.30
CA VAL A 531 -21.11 16.03 8.27
C VAL A 531 -21.68 16.64 9.53
N SER A 532 -22.25 15.86 10.45
CA SER A 532 -22.76 16.42 11.68
C SER A 532 -21.62 17.03 12.50
N PRO A 533 -21.79 18.24 13.08
CA PRO A 533 -20.78 18.88 13.90
C PRO A 533 -20.56 18.12 15.17
N THR A 534 -21.43 17.22 15.60
CA THR A 534 -21.15 16.41 16.78
C THR A 534 -20.67 15.00 16.44
N SER A 535 -20.39 14.70 15.17
CA SER A 535 -19.99 13.37 14.80
C SER A 535 -18.64 13.03 15.43
N GLN A 536 -18.54 11.77 15.77
CA GLN A 536 -17.32 11.27 16.33
C GLN A 536 -16.56 10.61 15.19
N ARG A 537 -17.12 10.41 13.99
CA ARG A 537 -16.40 9.71 12.91
C ARG A 537 -15.92 10.59 11.79
N LEU A 538 -16.57 11.73 11.60
CA LEU A 538 -16.28 12.67 10.55
C LEU A 538 -16.14 14.09 11.08
N GLN A 539 -15.17 14.87 10.58
CA GLN A 539 -15.00 16.24 11.00
C GLN A 539 -14.48 17.05 9.84
N LEU A 540 -15.06 18.20 9.51
CA LEU A 540 -14.50 19.05 8.46
C LEU A 540 -13.20 19.66 8.97
N LEU A 541 -12.28 19.84 8.04
CA LEU A 541 -10.98 20.39 8.36
C LEU A 541 -10.97 21.92 8.47
N GLU A 542 -10.20 22.36 9.44
CA GLU A 542 -9.87 23.76 9.67
C GLU A 542 -8.43 23.86 9.09
N PRO A 543 -8.09 24.83 8.24
CA PRO A 543 -6.78 24.98 7.63
C PRO A 543 -5.65 25.12 8.65
N PHE A 544 -4.44 24.64 8.33
CA PHE A 544 -3.33 24.76 9.24
C PHE A 544 -2.78 26.17 9.04
N ASP A 545 -2.06 26.65 10.05
CA ASP A 545 -1.43 27.95 10.11
C ASP A 545 -0.38 28.11 9.02
N LYS A 546 -0.21 29.29 8.44
CA LYS A 546 0.80 29.62 7.42
C LYS A 546 2.13 29.70 8.14
N TRP A 547 3.29 29.61 7.50
CA TRP A 547 4.54 29.77 8.24
C TRP A 547 4.69 31.23 8.74
N ASP A 548 5.16 31.47 9.96
CA ASP A 548 5.31 32.82 10.55
C ASP A 548 6.46 33.64 10.00
N GLY A 549 7.34 33.04 9.22
CA GLY A 549 8.43 33.73 8.61
C GLY A 549 9.66 33.65 9.48
N LYS A 550 9.62 32.89 10.57
CA LYS A 550 10.75 32.82 11.45
C LYS A 550 11.39 31.45 11.49
N ASP A 551 12.60 31.41 12.02
CA ASP A 551 13.29 30.13 12.18
C ASP A 551 12.62 29.43 13.34
N LEU A 552 12.96 28.18 13.52
CA LEU A 552 12.30 27.37 14.52
C LEU A 552 13.28 27.26 15.66
N GLU A 553 13.10 28.03 16.72
CA GLU A 553 14.02 27.93 17.83
C GLU A 553 13.47 27.17 19.02
N ASP A 554 14.40 26.50 19.71
CA ASP A 554 14.20 25.86 20.99
C ASP A 554 13.03 24.93 21.04
N LEU A 555 13.13 24.10 20.02
CA LEU A 555 12.17 23.05 19.79
C LEU A 555 12.39 21.95 20.83
N GLN A 556 11.30 21.43 21.34
CA GLN A 556 11.36 20.33 22.27
C GLN A 556 11.35 19.02 21.50
N ILE A 557 12.07 17.99 21.90
CA ILE A 557 11.97 16.67 21.29
C ILE A 557 10.78 15.96 21.91
N LEU A 558 9.71 15.63 21.18
CA LEU A 558 8.64 14.84 21.76
C LEU A 558 9.15 13.44 22.03
N ILE A 559 9.86 12.83 21.07
CA ILE A 559 10.36 11.47 21.17
C ILE A 559 11.50 11.26 20.15
N LYS A 560 12.59 10.61 20.59
CA LYS A 560 13.62 10.09 19.72
C LYS A 560 13.29 8.60 19.64
N VAL A 561 12.98 8.15 18.43
CA VAL A 561 12.55 6.80 18.15
C VAL A 561 13.76 5.93 17.82
N LYS A 562 13.68 4.71 18.30
CA LYS A 562 14.76 3.77 18.10
C LYS A 562 14.36 2.77 17.05
N GLY A 563 15.14 2.51 16.00
CA GLY A 563 14.85 1.39 15.10
C GLY A 563 13.67 1.64 14.16
N LYS A 564 12.94 0.56 13.85
CA LYS A 564 11.87 0.58 12.85
C LYS A 564 10.66 1.40 13.27
N CYS A 565 10.25 2.32 12.41
CA CYS A 565 9.07 3.09 12.73
C CYS A 565 8.24 3.21 11.45
N THR A 566 7.36 2.24 11.33
CA THR A 566 6.35 2.13 10.29
C THR A 566 5.19 3.13 10.44
N THR A 567 4.31 3.37 9.46
CA THR A 567 3.13 4.21 9.69
C THR A 567 2.13 3.46 10.57
N ASP A 568 2.20 2.12 10.77
CA ASP A 568 1.37 1.47 11.77
C ASP A 568 1.95 1.79 13.16
N HIS A 569 3.21 2.19 13.34
CA HIS A 569 3.69 2.62 14.65
C HIS A 569 3.27 4.10 14.87
N ILE A 570 3.17 4.89 13.79
CA ILE A 570 2.84 6.29 13.91
C ILE A 570 1.33 6.49 14.01
N SER A 571 0.51 5.77 13.28
CA SER A 571 -0.92 5.90 13.27
C SER A 571 -1.46 4.50 12.99
N ALA A 572 -1.67 3.77 14.09
CA ALA A 572 -2.15 2.43 14.07
C ALA A 572 -3.48 2.30 13.35
N ALA A 573 -3.76 1.11 12.78
CA ALA A 573 -4.99 0.85 12.10
C ALA A 573 -5.94 0.07 13.02
N GLY A 574 -6.46 -1.11 12.61
CA GLY A 574 -7.41 -1.85 13.43
C GLY A 574 -8.55 -0.96 13.95
N PRO A 575 -8.66 -0.78 15.28
CA PRO A 575 -9.71 0.01 15.95
C PRO A 575 -9.75 1.49 15.67
N TRP A 576 -8.61 2.00 15.26
CA TRP A 576 -8.51 3.40 14.92
C TRP A 576 -9.10 3.67 13.54
N LEU A 577 -9.46 2.64 12.71
CA LEU A 577 -10.04 2.90 11.39
C LEU A 577 -11.36 3.66 11.43
N LYS A 578 -12.00 3.48 12.60
CA LYS A 578 -13.25 4.13 12.98
C LYS A 578 -13.20 5.66 12.90
N PHE A 579 -11.99 6.18 13.13
CA PHE A 579 -11.80 7.61 13.15
C PHE A 579 -11.06 8.11 11.94
N ARG A 580 -10.96 7.38 10.80
CA ARG A 580 -10.17 7.89 9.69
C ARG A 580 -10.70 9.15 9.05
N GLY A 581 -11.93 9.57 9.33
CA GLY A 581 -12.46 10.83 8.81
C GLY A 581 -12.50 11.88 9.92
N HIS A 582 -11.89 11.64 11.11
CA HIS A 582 -12.00 12.59 12.22
C HIS A 582 -10.62 12.90 12.77
N LEU A 583 -9.99 13.99 12.31
CA LEU A 583 -8.61 14.24 12.71
C LEU A 583 -8.32 14.38 14.20
N ASP A 584 -9.18 15.02 14.98
CA ASP A 584 -8.85 15.15 16.39
C ASP A 584 -8.95 13.83 17.15
N ASN A 585 -9.86 12.95 16.71
CA ASN A 585 -10.02 11.74 17.47
C ASN A 585 -8.96 10.74 17.11
N ILE A 586 -8.54 10.70 15.85
CA ILE A 586 -7.56 9.71 15.48
C ILE A 586 -6.19 10.13 15.97
N SER A 587 -5.95 11.44 16.19
CA SER A 587 -4.68 11.90 16.75
C SER A 587 -4.39 11.34 18.13
N ASN A 588 -5.37 10.67 18.79
CA ASN A 588 -5.08 10.02 20.06
C ASN A 588 -4.30 8.73 19.87
N ASN A 589 -3.97 8.27 18.65
CA ASN A 589 -3.04 7.14 18.53
C ASN A 589 -1.63 7.57 18.16
N LEU A 590 -1.32 8.87 18.09
CA LEU A 590 -0.06 9.35 17.57
C LEU A 590 1.15 8.73 18.25
N LEU A 591 1.90 7.98 17.44
CA LEU A 591 3.16 7.40 17.80
C LEU A 591 3.09 6.47 19.00
N ILE A 592 1.92 5.89 19.30
CA ILE A 592 1.83 5.03 20.48
C ILE A 592 2.57 3.71 20.27
N GLY A 593 2.94 3.36 19.03
CA GLY A 593 3.71 2.13 18.85
C GLY A 593 5.20 2.37 18.75
N ALA A 594 5.72 3.59 18.59
CA ALA A 594 7.15 3.78 18.39
C ALA A 594 7.93 3.42 19.63
N ILE A 595 9.16 2.94 19.59
CA ILE A 595 9.92 2.61 20.80
C ILE A 595 10.72 3.85 21.15
N ASN A 596 10.64 4.35 22.38
CA ASN A 596 11.41 5.49 22.86
C ASN A 596 12.83 5.04 23.21
N SER A 597 13.88 5.67 22.66
CA SER A 597 15.23 5.25 22.98
C SER A 597 15.50 5.49 24.47
N GLU A 598 14.90 6.48 25.14
CA GLU A 598 15.16 6.74 26.55
C GLU A 598 14.88 5.57 27.48
N ASN A 599 13.85 4.80 27.25
CA ASN A 599 13.51 3.72 28.15
C ASN A 599 13.13 2.45 27.45
N ARG A 600 13.23 2.47 26.13
CA ARG A 600 12.79 1.39 25.25
C ARG A 600 11.38 0.91 25.48
N LYS A 601 10.48 1.82 25.82
CA LYS A 601 9.07 1.51 25.93
C LYS A 601 8.29 2.19 24.82
N ALA A 602 7.14 1.61 24.52
CA ALA A 602 6.17 2.17 23.60
C ALA A 602 5.19 3.02 24.41
N ASN A 603 4.81 4.16 23.87
CA ASN A 603 3.90 5.12 24.45
C ASN A 603 4.30 5.57 25.86
N SER A 604 5.57 5.87 26.15
CA SER A 604 5.96 6.33 27.47
C SER A 604 7.09 7.30 27.30
N VAL A 605 6.73 8.59 27.26
CA VAL A 605 7.73 9.60 27.11
C VAL A 605 7.66 10.59 28.27
N ARG A 606 8.80 11.21 28.48
CA ARG A 606 8.93 12.17 29.53
C ARG A 606 8.38 13.51 29.11
N ASN A 607 7.42 13.99 29.89
CA ASN A 607 6.93 15.35 29.74
C ASN A 607 8.00 16.26 30.33
N ALA A 608 8.62 17.11 29.52
CA ALA A 608 9.67 18.04 29.96
C ALA A 608 9.28 19.04 31.04
N VAL A 609 8.00 19.35 31.16
CA VAL A 609 7.52 20.30 32.16
C VAL A 609 7.20 19.63 33.49
N THR A 610 6.40 18.58 33.50
CA THR A 610 5.97 17.92 34.71
C THR A 610 6.90 16.83 35.22
N GLN A 611 7.77 16.32 34.37
CA GLN A 611 8.69 15.25 34.67
C GLN A 611 8.04 13.95 35.06
N GLU A 612 6.84 13.79 34.51
CA GLU A 612 6.16 12.53 34.57
C GLU A 612 6.28 11.86 33.21
N PHE A 613 6.46 10.54 33.17
CA PHE A 613 6.43 9.79 31.93
C PHE A 613 4.96 9.45 31.66
N GLY A 614 4.52 9.59 30.42
CA GLY A 614 3.15 9.35 30.03
C GLY A 614 3.01 9.10 28.52
N PRO A 615 1.76 8.91 28.07
CA PRO A 615 1.43 8.67 26.68
C PRO A 615 1.88 9.76 25.74
N VAL A 616 2.35 9.35 24.55
CA VAL A 616 2.83 10.32 23.58
C VAL A 616 1.73 11.30 23.16
N PRO A 617 0.47 10.89 22.81
CA PRO A 617 -0.62 11.81 22.42
C PRO A 617 -0.88 12.91 23.44
N ASP A 618 -0.96 12.47 24.70
CA ASP A 618 -1.24 13.40 25.78
C ASP A 618 -0.12 14.37 25.96
N THR A 619 1.12 13.91 25.87
CA THR A 619 2.25 14.82 26.01
C THR A 619 2.28 15.85 24.86
N ALA A 620 2.03 15.44 23.62
CA ALA A 620 2.02 16.35 22.48
C ALA A 620 0.88 17.32 22.68
N ARG A 621 -0.32 16.92 23.16
CA ARG A 621 -1.36 17.91 23.36
C ARG A 621 -0.98 18.85 24.49
N TYR A 622 -0.25 18.42 25.53
CA TYR A 622 0.17 19.31 26.61
C TYR A 622 1.13 20.34 26.05
N TYR A 623 2.09 19.93 25.22
CA TYR A 623 3.02 20.87 24.61
C TYR A 623 2.30 21.86 23.72
N LYS A 624 1.32 21.43 22.93
CA LYS A 624 0.56 22.30 22.06
C LYS A 624 -0.23 23.33 22.88
N GLN A 625 -0.90 22.85 23.94
CA GLN A 625 -1.67 23.70 24.87
C GLN A 625 -0.77 24.77 25.48
N HIS A 626 0.47 24.44 25.80
CA HIS A 626 1.35 25.42 26.38
C HIS A 626 2.27 26.14 25.41
N GLY A 627 2.10 26.03 24.08
CA GLY A 627 2.95 26.74 23.14
C GLY A 627 4.35 26.18 22.94
N ILE A 628 4.58 24.91 23.23
CA ILE A 628 5.89 24.30 23.03
C ILE A 628 5.88 23.53 21.68
N ARG A 629 6.70 23.96 20.72
CA ARG A 629 6.80 23.38 19.39
C ARG A 629 7.75 22.20 19.49
N TRP A 630 7.38 21.10 18.88
CA TRP A 630 8.16 19.90 19.03
C TRP A 630 8.54 19.24 17.71
N VAL A 631 9.47 18.31 17.93
CA VAL A 631 10.20 17.58 16.88
C VAL A 631 10.18 16.09 17.17
N VAL A 632 10.26 15.24 16.14
CA VAL A 632 10.45 13.81 16.30
C VAL A 632 11.83 13.52 15.71
N ILE A 633 12.65 12.68 16.35
CA ILE A 633 13.97 12.30 15.81
C ILE A 633 13.82 10.82 15.46
N GLY A 634 14.09 10.38 14.23
CA GLY A 634 13.87 9.00 13.90
C GLY A 634 15.13 8.41 13.32
N ASP A 635 15.02 7.11 13.03
CA ASP A 635 16.16 6.35 12.59
C ASP A 635 16.06 6.13 11.07
N GLU A 636 16.36 4.96 10.51
CA GLU A 636 16.29 4.66 9.08
C GLU A 636 14.92 4.27 8.61
N ASN A 637 14.65 4.65 7.38
CA ASN A 637 13.41 4.32 6.66
C ASN A 637 12.15 4.64 7.46
N TYR A 638 12.17 5.83 8.05
CA TYR A 638 11.08 6.29 8.89
C TYR A 638 9.81 6.41 8.05
N GLY A 639 8.71 5.84 8.50
CA GLY A 639 7.47 6.00 7.79
C GLY A 639 7.20 4.89 6.79
N GLU A 640 8.03 3.85 6.87
CA GLU A 640 7.83 2.63 6.12
C GLU A 640 6.40 2.12 6.13
N GLY A 641 5.84 1.68 4.99
CA GLY A 641 4.57 0.99 5.00
C GLY A 641 3.45 1.69 4.25
N SER A 642 2.31 1.49 4.86
CA SER A 642 1.09 2.03 4.35
C SER A 642 1.12 3.54 4.10
N SER A 643 0.34 3.95 3.10
CA SER A 643 0.34 5.30 2.59
C SER A 643 -0.40 6.34 3.45
N ARG A 644 -1.04 5.94 4.53
CA ARG A 644 -1.98 6.78 5.28
C ARG A 644 -1.47 8.19 5.58
N GLU A 645 -2.00 9.26 4.98
CA GLU A 645 -1.55 10.60 5.29
C GLU A 645 -1.85 11.05 6.72
N HIS A 646 -2.64 10.25 7.47
CA HIS A 646 -2.95 10.49 8.89
C HIS A 646 -1.64 10.52 9.68
N ARG A 647 -0.58 9.81 9.22
CA ARG A 647 0.68 9.86 9.93
C ARG A 647 1.41 11.15 9.82
N ALA A 648 1.04 12.00 8.88
CA ALA A 648 1.61 13.33 8.71
C ALA A 648 0.63 14.40 9.25
N LEU A 649 -0.69 14.21 9.08
CA LEU A 649 -1.69 15.16 9.56
C LEU A 649 -1.76 15.19 11.08
N GLU A 650 -1.67 14.03 11.74
CA GLU A 650 -1.70 13.95 13.18
C GLU A 650 -0.55 14.69 13.86
N PRO A 651 0.77 14.54 13.54
CA PRO A 651 1.78 15.38 14.15
C PRO A 651 1.58 16.86 13.85
N ARG A 652 1.02 17.27 12.68
CA ARG A 652 0.82 18.68 12.39
C ARG A 652 -0.26 19.22 13.30
N PHE A 653 -1.33 18.49 13.42
CA PHE A 653 -2.43 18.87 14.26
C PHE A 653 -1.99 19.02 15.74
N LEU A 654 -1.18 18.12 16.31
CA LEU A 654 -0.76 18.20 17.69
C LEU A 654 0.48 19.05 17.95
N GLY A 655 0.84 19.92 17.01
CA GLY A 655 1.83 20.95 17.25
C GLY A 655 3.24 20.65 16.85
N GLY A 656 3.46 19.58 16.07
CA GLY A 656 4.78 19.22 15.58
C GLY A 656 5.18 20.12 14.45
N ARG A 657 6.47 20.25 14.32
CA ARG A 657 7.05 21.16 13.35
C ARG A 657 7.95 20.47 12.33
N ALA A 658 8.78 19.49 12.75
CA ALA A 658 9.75 18.87 11.86
C ALA A 658 9.97 17.45 12.38
N ILE A 659 10.44 16.55 11.50
CA ILE A 659 10.69 15.15 11.79
C ILE A 659 12.08 15.04 11.21
N ILE A 660 13.10 14.66 11.96
CA ILE A 660 14.46 14.63 11.50
C ILE A 660 14.88 13.19 11.61
N THR A 661 15.29 12.53 10.54
CA THR A 661 15.57 11.09 10.56
C THR A 661 16.85 10.79 9.76
N LYS A 662 17.30 9.52 9.81
CA LYS A 662 18.38 9.09 8.93
C LYS A 662 17.82 8.92 7.52
N SER A 663 16.62 8.40 7.28
CA SER A 663 16.05 8.39 5.95
C SER A 663 14.56 8.24 6.06
N PHE A 664 13.81 8.49 5.00
CA PHE A 664 12.35 8.39 4.94
C PHE A 664 11.91 7.40 3.90
N ALA A 665 10.76 6.77 4.09
CA ALA A 665 10.13 6.04 3.03
C ALA A 665 9.45 7.14 2.21
N ARG A 666 9.21 6.86 0.92
CA ARG A 666 8.80 7.87 -0.05
C ARG A 666 7.45 8.46 0.22
N ILE A 667 6.44 7.63 0.40
CA ILE A 667 5.09 8.23 0.49
C ILE A 667 4.94 9.08 1.76
N HIS A 668 5.55 8.66 2.89
CA HIS A 668 5.44 9.38 4.13
C HIS A 668 6.17 10.69 4.01
N GLU A 669 7.33 10.75 3.39
CA GLU A 669 8.06 11.97 3.20
C GLU A 669 7.25 12.95 2.36
N THR A 670 6.62 12.46 1.30
CA THR A 670 5.78 13.34 0.50
C THR A 670 4.60 13.84 1.32
N ASN A 671 3.94 12.98 2.11
CA ASN A 671 2.79 13.34 2.92
C ASN A 671 3.18 14.38 3.94
N LEU A 672 4.39 14.30 4.54
CA LEU A 672 4.82 15.30 5.52
C LEU A 672 4.98 16.68 4.93
N LYS A 673 5.62 16.77 3.73
CA LYS A 673 5.77 18.00 2.97
C LYS A 673 4.39 18.58 2.63
N LYS A 674 3.46 17.73 2.22
CA LYS A 674 2.10 18.14 1.88
C LYS A 674 1.28 18.87 2.95
N GLN A 675 1.54 18.44 4.19
CA GLN A 675 0.86 18.96 5.37
C GLN A 675 1.66 20.06 6.06
N GLY A 676 2.71 20.61 5.43
CA GLY A 676 3.39 21.75 6.03
C GLY A 676 4.45 21.43 7.07
N LEU A 677 4.89 20.17 7.18
CA LEU A 677 5.96 19.88 8.13
C LEU A 677 7.27 19.79 7.38
N LEU A 678 8.38 19.79 8.10
CA LEU A 678 9.69 19.72 7.51
C LEU A 678 10.27 18.33 7.69
N PRO A 679 10.25 17.40 6.72
CA PRO A 679 10.98 16.15 6.81
C PRO A 679 12.45 16.43 6.52
N LEU A 680 13.39 16.18 7.43
CA LEU A 680 14.79 16.56 7.20
C LEU A 680 15.64 15.34 7.47
N THR A 681 16.75 15.15 6.78
CA THR A 681 17.60 14.02 7.13
C THR A 681 18.96 14.53 7.56
N PHE A 682 19.64 13.76 8.40
CA PHE A 682 20.98 14.06 8.84
C PHE A 682 21.92 14.06 7.65
N ALA A 683 22.73 15.08 7.51
CA ALA A 683 23.72 15.11 6.44
C ALA A 683 24.76 14.08 6.85
N ASP A 684 24.98 13.84 8.15
CA ASP A 684 25.84 12.73 8.59
C ASP A 684 24.98 11.92 9.52
N PRO A 685 24.52 10.71 9.18
CA PRO A 685 23.69 9.88 10.04
C PRO A 685 24.26 9.60 11.42
N ALA A 686 25.55 9.78 11.66
CA ALA A 686 26.10 9.56 12.98
C ALA A 686 25.61 10.64 13.95
N ASP A 687 25.22 11.79 13.43
CA ASP A 687 24.67 12.86 14.24
C ASP A 687 23.41 12.46 14.98
N TYR A 688 22.74 11.36 14.67
CA TYR A 688 21.61 10.89 15.42
C TYR A 688 22.05 10.66 16.86
N ASN A 689 23.32 10.30 17.06
CA ASN A 689 23.83 10.02 18.42
C ASN A 689 24.26 11.23 19.25
N LYS A 690 24.32 12.40 18.62
CA LYS A 690 24.61 13.68 19.25
C LYS A 690 23.37 14.28 19.90
N ILE A 691 22.20 13.77 19.53
CA ILE A 691 20.95 14.28 20.06
C ILE A 691 20.39 13.29 21.08
N HIS A 692 20.11 13.86 22.27
CA HIS A 692 19.60 13.17 23.44
C HIS A 692 18.22 13.76 23.69
N PRO A 693 17.25 13.02 24.22
CA PRO A 693 15.90 13.48 24.51
C PRO A 693 15.74 14.83 25.20
N VAL A 694 16.76 15.22 25.98
CA VAL A 694 16.74 16.46 26.74
C VAL A 694 17.22 17.70 26.00
N ASP A 695 17.85 17.50 24.83
CA ASP A 695 18.39 18.60 24.08
C ASP A 695 17.26 19.42 23.46
N LYS A 696 17.47 20.69 23.15
CA LYS A 696 16.48 21.52 22.47
C LYS A 696 17.13 21.84 21.13
N LEU A 697 16.37 22.09 20.09
CA LEU A 697 16.95 22.28 18.77
C LEU A 697 16.51 23.57 18.13
N THR A 698 17.41 24.19 17.39
CA THR A 698 17.05 25.32 16.59
C THR A 698 17.38 25.01 15.10
N ILE A 699 16.39 25.15 14.21
CA ILE A 699 16.57 24.93 12.79
C ILE A 699 16.65 26.35 12.24
N GLN A 700 17.74 26.66 11.60
CA GLN A 700 17.96 27.96 11.07
C GLN A 700 18.08 27.93 9.58
N GLY A 701 17.77 29.08 9.01
CA GLY A 701 17.92 29.26 7.58
C GLY A 701 16.65 29.04 6.78
N LEU A 702 15.48 29.12 7.44
CA LEU A 702 14.23 28.94 6.73
C LEU A 702 13.98 30.14 5.81
N LYS A 703 14.60 31.29 6.11
CA LYS A 703 14.36 32.47 5.31
C LYS A 703 14.93 32.33 3.93
N ASP A 704 16.04 31.63 3.76
CA ASP A 704 16.49 31.43 2.40
C ASP A 704 16.56 29.95 2.07
N PHE A 705 15.45 29.31 2.40
CA PHE A 705 15.21 27.87 2.20
C PHE A 705 15.30 27.65 0.69
N ALA A 706 16.08 26.70 0.22
CA ALA A 706 16.25 26.56 -1.20
C ALA A 706 16.57 25.12 -1.56
N PRO A 707 16.09 24.65 -2.74
CA PRO A 707 16.36 23.31 -3.28
C PRO A 707 17.87 23.07 -3.22
N GLY A 708 18.27 21.96 -2.65
CA GLY A 708 19.69 21.62 -2.65
C GLY A 708 20.53 22.32 -1.59
N LYS A 709 20.07 23.31 -0.84
CA LYS A 709 20.89 23.95 0.17
C LYS A 709 20.50 23.32 1.53
N PRO A 710 21.42 22.75 2.35
CA PRO A 710 21.13 22.23 3.69
C PRO A 710 20.74 23.30 4.71
N LEU A 711 20.07 22.86 5.78
CA LEU A 711 19.61 23.73 6.85
C LEU A 711 20.53 23.47 7.99
N THR A 712 20.78 24.47 8.83
CA THR A 712 21.70 24.26 9.94
C THR A 712 20.82 24.02 11.15
N CYS A 713 21.28 23.15 12.02
CA CYS A 713 20.53 22.77 13.17
C CYS A 713 21.52 22.96 14.33
N ILE A 714 21.18 23.80 15.33
CA ILE A 714 21.96 23.99 16.55
C ILE A 714 21.40 23.11 17.65
N ILE A 715 22.15 22.14 18.09
CA ILE A 715 21.73 21.31 19.18
C ILE A 715 22.11 22.05 20.45
N LYS A 716 21.17 22.41 21.32
CA LYS A 716 21.42 23.09 22.59
C LYS A 716 21.41 22.10 23.76
N HIS A 717 22.57 21.76 24.29
CA HIS A 717 22.68 20.81 25.38
C HIS A 717 22.39 21.53 26.70
N PRO A 718 21.88 20.81 27.73
CA PRO A 718 21.37 21.38 28.98
C PRO A 718 22.46 22.14 29.75
N ASN A 719 23.66 21.55 29.70
CA ASN A 719 24.82 22.12 30.32
C ASN A 719 25.32 23.37 29.61
N GLY A 720 24.68 23.93 28.58
CA GLY A 720 25.18 25.12 27.92
C GLY A 720 26.00 24.81 26.66
N THR A 721 26.45 23.58 26.41
CA THR A 721 27.19 23.25 25.19
C THR A 721 26.24 23.36 23.99
N GLN A 722 26.70 23.81 22.84
CA GLN A 722 25.92 23.81 21.62
C GLN A 722 26.70 23.03 20.58
N GLU A 723 26.10 22.33 19.62
CA GLU A 723 26.81 21.66 18.54
C GLU A 723 25.99 22.03 17.32
N THR A 724 26.60 22.40 16.20
CA THR A 724 25.89 22.69 14.98
C THR A 724 26.11 21.51 14.08
N ILE A 725 25.03 21.07 13.39
CA ILE A 725 25.04 19.97 12.44
C ILE A 725 24.20 20.47 11.26
N LEU A 726 24.26 19.77 10.12
CA LEU A 726 23.55 20.13 8.90
C LEU A 726 22.51 19.10 8.51
N LEU A 727 21.40 19.57 7.96
CA LEU A 727 20.30 18.71 7.65
C LEU A 727 19.96 18.88 6.18
N ASN A 728 19.80 17.76 5.46
CA ASN A 728 19.41 17.82 4.07
C ASN A 728 17.91 17.69 3.98
N HIS A 729 17.35 18.09 2.85
CA HIS A 729 15.93 18.00 2.61
C HIS A 729 15.79 17.76 1.09
N THR A 730 14.69 17.23 0.53
CA THR A 730 14.48 17.08 -0.89
C THR A 730 13.45 18.01 -1.50
N PHE A 731 13.24 19.19 -0.92
CA PHE A 731 12.23 20.11 -1.40
C PHE A 731 12.65 20.77 -2.71
N ASN A 732 11.76 20.88 -3.66
CA ASN A 732 12.00 21.66 -4.88
C ASN A 732 11.19 22.97 -4.65
N GLU A 733 11.03 23.86 -5.63
CA GLU A 733 10.39 25.13 -5.32
C GLU A 733 8.91 25.06 -5.07
N THR A 734 8.29 24.12 -5.76
CA THR A 734 6.87 23.84 -5.63
C THR A 734 6.58 23.48 -4.18
N GLN A 735 7.41 22.62 -3.64
CA GLN A 735 7.20 22.13 -2.29
C GLN A 735 7.51 23.16 -1.20
N ILE A 736 8.49 24.06 -1.40
CA ILE A 736 8.75 25.12 -0.42
C ILE A 736 7.53 26.05 -0.37
N GLU A 737 6.83 26.31 -1.47
CA GLU A 737 5.58 27.00 -1.40
C GLU A 737 4.56 26.27 -0.53
N TRP A 738 4.43 24.95 -0.52
CA TRP A 738 3.53 24.23 0.39
C TRP A 738 3.87 24.57 1.85
N PHE A 739 5.15 24.43 2.20
CA PHE A 739 5.64 24.80 3.53
C PHE A 739 5.33 26.24 3.89
N ARG A 740 5.65 27.25 3.06
CA ARG A 740 5.37 28.67 3.38
C ARG A 740 3.86 28.90 3.57
N ALA A 741 2.98 28.29 2.77
CA ALA A 741 1.55 28.45 2.92
C ALA A 741 0.96 27.69 4.10
N GLY A 742 1.68 26.80 4.76
CA GLY A 742 1.10 26.06 5.83
C GLY A 742 0.70 24.67 5.43
N SER A 743 0.45 24.41 4.15
CA SER A 743 0.16 23.09 3.62
C SER A 743 -0.07 23.25 2.10
N ALA A 744 0.00 22.15 1.36
CA ALA A 744 -0.31 22.18 -0.06
C ALA A 744 -1.73 22.59 -0.34
N LEU A 745 -2.70 22.15 0.47
CA LEU A 745 -4.07 22.55 0.26
C LEU A 745 -4.19 24.08 0.43
N ASN A 746 -3.47 24.72 1.35
CA ASN A 746 -3.57 26.18 1.58
C ASN A 746 -3.01 26.96 0.40
N ARG A 747 -1.95 26.42 -0.17
CA ARG A 747 -1.30 26.99 -1.33
C ARG A 747 -2.27 26.89 -2.51
N MET A 748 -2.94 25.75 -2.70
CA MET A 748 -3.90 25.60 -3.78
C MET A 748 -5.04 26.59 -3.61
N LYS A 749 -5.58 26.72 -2.42
CA LYS A 749 -6.60 27.70 -2.21
C LYS A 749 -6.04 29.10 -2.35
N GLU A 750 -4.76 29.43 -2.18
CA GLU A 750 -4.31 30.77 -2.50
C GLU A 750 -4.40 30.97 -4.01
N LEU A 751 -4.03 29.99 -4.84
CA LEU A 751 -4.08 30.17 -6.30
C LEU A 751 -5.45 30.36 -6.90
N GLN A 752 -6.50 30.08 -6.13
CA GLN A 752 -7.86 30.40 -6.50
C GLN A 752 -8.20 31.85 -6.10
N GLN A 753 -7.32 32.77 -6.50
CA GLN A 753 -7.37 34.22 -6.43
C GLN A 753 -7.83 34.99 -5.21
N LYS A 754 -7.85 34.30 -4.08
CA LYS A 754 -8.33 34.85 -2.83
C LYS A 754 -7.69 34.06 -1.69
FE1 SF4 B . -4.95 -5.41 0.00
FE2 SF4 B . -4.61 -6.00 2.61
FE3 SF4 B . -6.63 -4.49 1.87
FE4 SF4 B . -4.19 -3.39 1.64
S1 SF4 B . -5.18 -4.11 3.65
S2 SF4 B . -5.83 -3.29 0.07
S3 SF4 B . -2.95 -5.23 1.11
S4 SF4 B . -6.31 -6.72 1.30
N1 NTC C . -1.92 1.18 2.43
O1 NTC C . -1.85 2.36 2.26
O2 NTC C . -1.04 0.37 2.24
C2 NTC C . -3.27 0.94 3.06
C3 NTC C . -3.66 -0.22 3.98
O7 NTC C . -4.56 -1.04 3.19
C4 NTC C . -4.18 0.78 5.11
C5 NTC C . -4.78 2.14 4.87
O3 NTC C . -5.98 2.22 4.80
O4 NTC C . -4.05 3.09 4.77
C6 NTC C . -2.47 -1.09 4.50
O5 NTC C . -2.11 -2.10 3.82
O6 NTC C . -1.87 -0.72 5.57
H21 NTC C . -3.83 0.90 2.24
H22 NTC C . -3.37 1.79 3.56
HO7 NTC C . -5.13 -1.48 3.53
H41 NTC C . -3.40 1.02 5.69
H42 NTC C . -4.91 0.33 5.61
#